data_2D8U
#
_entry.id   2D8U
#
loop_
_entity.id
_entity.type
_entity.pdbx_description
1 polymer 'Ubiquitin ligase TRIM63'
2 non-polymer 'ZINC ION'
#
_entity_poly.entity_id   1
_entity_poly.type   'polypeptide(L)'
_entity_poly.pdbx_seq_one_letter_code
;GSSGSSGHPMCKEHEDEKINIYCLTCEVPTCSMCKVFGIHKACEVAPLQSVFQGQKTESGPSSG
;
_entity_poly.pdbx_strand_id   A
#
# COMPACT_ATOMS: atom_id res chain seq x y z
N GLY A 1 -0.13 -3.34 30.64
CA GLY A 1 -0.17 -4.77 30.89
C GLY A 1 -0.37 -5.58 29.61
N SER A 2 -1.55 -5.46 29.03
CA SER A 2 -1.86 -6.18 27.80
C SER A 2 -2.46 -5.25 26.75
N SER A 3 -3.43 -4.45 27.16
CA SER A 3 -4.08 -3.51 26.25
C SER A 3 -3.33 -2.19 26.21
N GLY A 4 -3.73 -1.31 25.30
CA GLY A 4 -3.09 -0.02 25.17
C GLY A 4 -3.53 0.74 23.93
N SER A 5 -3.17 2.01 23.85
CA SER A 5 -3.53 2.84 22.71
C SER A 5 -2.61 2.59 21.53
N SER A 6 -3.18 2.60 20.32
CA SER A 6 -2.41 2.37 19.11
C SER A 6 -2.97 3.19 17.95
N GLY A 7 -2.07 3.84 17.22
CA GLY A 7 -2.49 4.66 16.09
C GLY A 7 -2.36 3.93 14.77
N HIS A 8 -2.58 4.64 13.67
CA HIS A 8 -2.48 4.05 12.34
C HIS A 8 -1.05 4.08 11.84
N PRO A 9 -0.66 3.03 11.09
CA PRO A 9 0.69 2.91 10.53
C PRO A 9 0.94 3.93 9.43
N MET A 10 2.05 4.66 9.54
CA MET A 10 2.41 5.66 8.53
C MET A 10 3.53 5.15 7.64
N CYS A 11 3.45 5.48 6.36
CA CYS A 11 4.45 5.06 5.40
C CYS A 11 5.86 5.35 5.91
N LYS A 12 6.75 4.37 5.79
CA LYS A 12 8.13 4.53 6.24
C LYS A 12 8.85 5.61 5.44
N GLU A 13 8.70 5.56 4.11
CA GLU A 13 9.33 6.53 3.23
C GLU A 13 8.87 7.95 3.56
N HIS A 14 7.56 8.15 3.52
CA HIS A 14 6.99 9.46 3.82
C HIS A 14 6.52 9.54 5.27
N GLU A 15 7.39 10.05 6.13
CA GLU A 15 7.07 10.18 7.55
C GLU A 15 5.72 10.85 7.75
N ASP A 16 5.46 11.89 6.96
CA ASP A 16 4.19 12.62 7.04
C ASP A 16 3.35 12.38 5.80
N GLU A 17 2.67 11.24 5.77
CA GLU A 17 1.81 10.90 4.63
C GLU A 17 0.75 9.86 5.04
N LYS A 18 -0.50 10.29 5.03
CA LYS A 18 -1.61 9.41 5.40
C LYS A 18 -1.72 8.24 4.41
N ILE A 19 -1.56 7.03 4.93
CA ILE A 19 -1.65 5.83 4.11
C ILE A 19 -2.93 5.83 3.27
N ASN A 20 -2.78 5.56 1.98
CA ASN A 20 -3.92 5.53 1.07
C ASN A 20 -4.29 4.09 0.70
N ILE A 21 -3.26 3.30 0.35
CA ILE A 21 -3.48 1.91 -0.02
C ILE A 21 -2.72 0.97 0.91
N TYR A 22 -2.94 -0.33 0.74
CA TYR A 22 -2.28 -1.33 1.57
C TYR A 22 -1.61 -2.39 0.70
N CYS A 23 -0.34 -2.66 0.98
CA CYS A 23 0.42 -3.65 0.23
C CYS A 23 0.11 -5.06 0.72
N LEU A 24 0.23 -6.04 -0.17
CA LEU A 24 -0.04 -7.42 0.18
C LEU A 24 1.26 -8.24 0.24
N THR A 25 1.96 -8.30 -0.90
CA THR A 25 3.21 -9.03 -0.98
C THR A 25 3.97 -8.97 0.34
N CYS A 26 4.49 -7.79 0.66
CA CYS A 26 5.24 -7.60 1.90
C CYS A 26 4.31 -7.54 3.10
N GLU A 27 3.04 -7.23 2.85
CA GLU A 27 2.05 -7.14 3.90
C GLU A 27 2.29 -5.91 4.78
N VAL A 28 2.37 -4.75 4.14
CA VAL A 28 2.60 -3.50 4.85
C VAL A 28 1.77 -2.36 4.26
N PRO A 29 1.03 -1.65 5.12
CA PRO A 29 0.18 -0.54 4.71
C PRO A 29 1.00 0.67 4.26
N THR A 30 1.33 0.70 2.97
CA THR A 30 2.11 1.80 2.41
C THR A 30 1.26 2.65 1.46
N CYS A 31 1.74 3.85 1.15
CA CYS A 31 1.02 4.75 0.26
C CYS A 31 1.03 4.22 -1.17
N SER A 32 0.47 4.99 -2.09
CA SER A 32 0.42 4.60 -3.49
C SER A 32 1.61 5.15 -4.26
N MET A 33 2.08 6.32 -3.85
CA MET A 33 3.22 6.95 -4.51
C MET A 33 4.43 6.04 -4.48
N CYS A 34 4.52 5.20 -3.45
CA CYS A 34 5.64 4.26 -3.32
C CYS A 34 5.43 3.04 -4.19
N LYS A 35 4.18 2.78 -4.56
CA LYS A 35 3.84 1.64 -5.39
C LYS A 35 3.95 1.99 -6.87
N VAL A 36 3.55 3.22 -7.21
CA VAL A 36 3.61 3.68 -8.59
C VAL A 36 4.88 4.48 -8.85
N PHE A 37 5.40 5.11 -7.80
CA PHE A 37 6.61 5.91 -7.92
C PHE A 37 7.64 5.51 -6.86
N GLY A 38 7.78 4.20 -6.66
CA GLY A 38 8.73 3.71 -5.67
C GLY A 38 9.26 2.34 -6.01
N ILE A 39 9.61 1.55 -4.99
CA ILE A 39 10.13 0.21 -5.19
C ILE A 39 9.03 -0.83 -5.10
N HIS A 40 7.90 -0.44 -4.52
CA HIS A 40 6.76 -1.34 -4.37
C HIS A 40 6.04 -1.54 -5.70
N LYS A 41 6.78 -2.02 -6.69
CA LYS A 41 6.22 -2.26 -8.02
C LYS A 41 5.86 -3.72 -8.20
N ALA A 42 6.78 -4.61 -7.83
CA ALA A 42 6.56 -6.05 -7.94
C ALA A 42 5.50 -6.52 -6.95
N CYS A 43 5.30 -5.75 -5.89
CA CYS A 43 4.32 -6.09 -4.88
C CYS A 43 2.90 -6.05 -5.44
N GLU A 44 1.92 -6.30 -4.59
CA GLU A 44 0.52 -6.29 -5.01
C GLU A 44 -0.33 -5.47 -4.04
N VAL A 45 -0.65 -4.24 -4.43
CA VAL A 45 -1.46 -3.36 -3.60
C VAL A 45 -2.95 -3.53 -3.89
N ALA A 46 -3.78 -3.32 -2.89
CA ALA A 46 -5.23 -3.45 -3.04
C ALA A 46 -5.95 -2.20 -2.53
N PRO A 47 -7.23 -2.08 -2.87
CA PRO A 47 -8.06 -0.94 -2.46
C PRO A 47 -8.37 -0.96 -0.96
N LEU A 48 -7.49 -0.34 -0.17
CA LEU A 48 -7.67 -0.29 1.28
C LEU A 48 -9.15 -0.16 1.63
N GLN A 49 -9.90 0.54 0.79
CA GLN A 49 -11.33 0.74 1.02
C GLN A 49 -11.96 -0.53 1.59
N SER A 50 -11.84 -1.63 0.86
CA SER A 50 -12.40 -2.90 1.29
C SER A 50 -11.33 -3.99 1.34
N VAL A 51 -10.55 -4.09 0.27
CA VAL A 51 -9.49 -5.08 0.19
C VAL A 51 -10.05 -6.49 0.23
N PHE A 52 -10.98 -6.78 -0.69
CA PHE A 52 -11.60 -8.09 -0.77
C PHE A 52 -10.69 -9.08 -1.50
N GLN A 53 -10.93 -10.37 -1.28
CA GLN A 53 -10.14 -11.41 -1.92
C GLN A 53 -9.95 -11.10 -3.41
N GLY A 54 -8.83 -11.57 -3.96
CA GLY A 54 -8.54 -11.34 -5.37
C GLY A 54 -7.71 -10.09 -5.58
N GLN A 55 -6.66 -10.22 -6.39
CA GLN A 55 -5.79 -9.09 -6.68
C GLN A 55 -6.43 -8.13 -7.68
N LYS A 56 -6.16 -6.85 -7.52
CA LYS A 56 -6.72 -5.83 -8.41
C LYS A 56 -5.62 -4.92 -8.95
N THR A 57 -4.50 -5.53 -9.34
CA THR A 57 -3.37 -4.78 -9.89
C THR A 57 -3.10 -5.16 -11.33
N GLU A 58 -3.46 -4.28 -12.25
CA GLU A 58 -3.25 -4.54 -13.68
C GLU A 58 -2.34 -3.48 -14.29
N SER A 59 -2.63 -2.22 -14.01
CA SER A 59 -1.84 -1.11 -14.53
C SER A 59 -0.49 -1.02 -13.81
N GLY A 60 0.59 -1.03 -14.59
CA GLY A 60 1.92 -0.95 -14.01
C GLY A 60 2.68 -2.26 -14.08
N PRO A 61 3.75 -2.28 -14.87
CA PRO A 61 4.59 -3.47 -15.05
C PRO A 61 5.36 -3.83 -13.80
N SER A 62 5.72 -5.11 -13.66
CA SER A 62 6.46 -5.59 -12.50
C SER A 62 7.94 -5.74 -12.84
N SER A 63 8.80 -5.15 -12.02
CA SER A 63 10.24 -5.22 -12.23
C SER A 63 10.86 -6.31 -11.35
N GLY A 64 12.05 -6.76 -11.74
CA GLY A 64 12.73 -7.78 -10.98
C GLY A 64 12.47 -7.68 -9.49
N GLY A 1 3.96 22.75 14.59
CA GLY A 1 3.33 22.54 15.88
C GLY A 1 2.01 21.79 15.76
N SER A 2 2.08 20.55 15.28
CA SER A 2 0.88 19.73 15.12
C SER A 2 1.07 18.37 15.79
N SER A 3 0.65 18.28 17.04
CA SER A 3 0.77 17.03 17.79
C SER A 3 -0.41 16.86 18.75
N GLY A 4 -1.13 15.76 18.59
CA GLY A 4 -2.27 15.49 19.44
C GLY A 4 -3.20 14.44 18.86
N SER A 5 -3.45 14.52 17.56
CA SER A 5 -4.33 13.57 16.88
C SER A 5 -3.61 12.24 16.67
N SER A 6 -4.10 11.20 17.34
CA SER A 6 -3.51 9.87 17.23
C SER A 6 -4.43 8.93 16.45
N GLY A 7 -3.91 8.36 15.36
CA GLY A 7 -4.70 7.45 14.56
C GLY A 7 -3.85 6.39 13.89
N HIS A 8 -4.29 5.95 12.71
CA HIS A 8 -3.56 4.93 11.96
C HIS A 8 -2.16 5.42 11.60
N PRO A 9 -1.22 4.47 11.45
CA PRO A 9 0.17 4.77 11.11
C PRO A 9 0.31 5.29 9.68
N MET A 10 1.36 6.09 9.45
CA MET A 10 1.61 6.64 8.13
C MET A 10 2.89 6.07 7.53
N CYS A 11 3.15 6.38 6.27
CA CYS A 11 4.34 5.90 5.59
C CYS A 11 5.58 6.65 6.06
N LYS A 12 6.48 5.95 6.72
CA LYS A 12 7.71 6.55 7.23
C LYS A 12 8.49 7.22 6.09
N GLU A 13 8.64 6.51 4.98
CA GLU A 13 9.35 7.04 3.83
C GLU A 13 8.87 8.46 3.49
N HIS A 14 7.56 8.63 3.47
CA HIS A 14 6.98 9.94 3.16
C HIS A 14 6.67 10.72 4.44
N GLU A 15 6.69 12.04 4.35
CA GLU A 15 6.42 12.89 5.49
C GLU A 15 4.96 13.36 5.49
N ASP A 16 4.45 13.66 4.30
CA ASP A 16 3.07 14.11 4.17
C ASP A 16 2.19 13.01 3.59
N GLU A 17 2.65 12.40 2.51
CA GLU A 17 1.90 11.32 1.87
C GLU A 17 1.68 10.16 2.83
N LYS A 18 0.55 10.19 3.53
CA LYS A 18 0.23 9.13 4.49
C LYS A 18 -0.18 7.85 3.76
N ILE A 19 -0.52 6.82 4.54
CA ILE A 19 -0.93 5.55 3.97
C ILE A 19 -2.31 5.65 3.32
N ASN A 20 -2.37 5.32 2.03
CA ASN A 20 -3.62 5.37 1.29
C ASN A 20 -4.10 3.97 0.93
N ILE A 21 -3.16 3.10 0.58
CA ILE A 21 -3.48 1.73 0.21
C ILE A 21 -2.67 0.72 1.04
N TYR A 22 -2.96 -0.55 0.85
CA TYR A 22 -2.27 -1.60 1.59
C TYR A 22 -1.64 -2.61 0.62
N CYS A 23 -0.36 -2.92 0.84
CA CYS A 23 0.35 -3.88 0.00
C CYS A 23 0.06 -5.30 0.43
N LEU A 24 0.04 -6.22 -0.54
CA LEU A 24 -0.23 -7.63 -0.26
C LEU A 24 1.06 -8.44 -0.33
N THR A 25 1.67 -8.46 -1.51
CA THR A 25 2.91 -9.20 -1.71
C THR A 25 3.74 -9.25 -0.43
N CYS A 26 4.21 -8.08 0.00
CA CYS A 26 5.02 -7.99 1.21
C CYS A 26 4.13 -7.89 2.45
N GLU A 27 2.86 -7.59 2.23
CA GLU A 27 1.91 -7.47 3.33
C GLU A 27 2.27 -6.29 4.22
N VAL A 28 2.46 -5.12 3.62
CA VAL A 28 2.81 -3.92 4.36
C VAL A 28 2.02 -2.72 3.86
N PRO A 29 1.31 -2.05 4.79
CA PRO A 29 0.49 -0.88 4.47
C PRO A 29 1.35 0.34 4.12
N THR A 30 1.56 0.55 2.82
CA THR A 30 2.36 1.67 2.35
C THR A 30 1.52 2.63 1.51
N CYS A 31 1.97 3.87 1.43
CA CYS A 31 1.27 4.89 0.65
C CYS A 31 1.09 4.46 -0.79
N SER A 32 0.30 5.22 -1.54
CA SER A 32 0.05 4.90 -2.94
C SER A 32 1.12 5.52 -3.84
N MET A 33 2.16 6.06 -3.22
CA MET A 33 3.26 6.68 -3.97
C MET A 33 4.41 5.70 -4.14
N CYS A 34 4.68 4.91 -3.10
CA CYS A 34 5.76 3.93 -3.14
C CYS A 34 5.43 2.80 -4.11
N LYS A 35 4.15 2.45 -4.20
CA LYS A 35 3.72 1.39 -5.10
C LYS A 35 4.00 1.74 -6.55
N VAL A 36 3.38 2.81 -7.03
CA VAL A 36 3.58 3.26 -8.40
C VAL A 36 4.91 4.00 -8.55
N PHE A 37 5.31 4.71 -7.51
CA PHE A 37 6.56 5.47 -7.53
C PHE A 37 7.44 5.08 -6.34
N GLY A 38 7.84 3.82 -6.30
CA GLY A 38 8.69 3.35 -5.21
C GLY A 38 9.14 1.91 -5.41
N ILE A 39 10.03 1.46 -4.54
CA ILE A 39 10.55 0.10 -4.63
C ILE A 39 9.42 -0.92 -4.75
N HIS A 40 8.26 -0.56 -4.21
CA HIS A 40 7.09 -1.44 -4.24
C HIS A 40 6.51 -1.51 -5.65
N LYS A 41 7.27 -2.07 -6.58
CA LYS A 41 6.83 -2.19 -7.96
C LYS A 41 6.31 -3.61 -8.25
N ALA A 42 7.08 -4.60 -7.82
CA ALA A 42 6.70 -6.00 -8.03
C ALA A 42 5.72 -6.46 -6.97
N CYS A 43 4.86 -5.55 -6.52
CA CYS A 43 3.87 -5.87 -5.50
C CYS A 43 2.45 -5.65 -6.04
N GLU A 44 1.46 -5.98 -5.21
CA GLU A 44 0.06 -5.83 -5.60
C GLU A 44 -0.76 -5.24 -4.46
N VAL A 45 -1.17 -3.98 -4.62
CA VAL A 45 -1.96 -3.30 -3.60
C VAL A 45 -3.45 -3.56 -3.79
N ALA A 46 -4.21 -3.44 -2.71
CA ALA A 46 -5.66 -3.67 -2.76
C ALA A 46 -6.42 -2.46 -2.24
N PRO A 47 -7.74 -2.45 -2.44
CA PRO A 47 -8.61 -1.36 -1.99
C PRO A 47 -8.75 -1.30 -0.48
N LEU A 48 -7.80 -0.64 0.17
CA LEU A 48 -7.81 -0.51 1.62
C LEU A 48 -9.24 -0.46 2.15
N GLN A 49 -10.05 0.43 1.59
CA GLN A 49 -11.43 0.58 2.01
C GLN A 49 -12.06 -0.77 2.31
N SER A 50 -12.06 -1.66 1.32
CA SER A 50 -12.64 -2.99 1.49
C SER A 50 -11.68 -4.06 0.97
N VAL A 51 -10.81 -4.55 1.85
CA VAL A 51 -9.85 -5.58 1.49
C VAL A 51 -10.32 -6.96 1.92
N PHE A 52 -10.77 -7.76 0.95
CA PHE A 52 -11.26 -9.11 1.22
C PHE A 52 -11.48 -9.88 -0.07
N GLN A 53 -10.57 -10.81 -0.36
CA GLN A 53 -10.65 -11.61 -1.57
C GLN A 53 -11.19 -10.79 -2.74
N GLY A 54 -10.71 -9.56 -2.86
CA GLY A 54 -11.15 -8.70 -3.93
C GLY A 54 -10.54 -9.07 -5.27
N GLN A 55 -10.52 -8.12 -6.20
CA GLN A 55 -9.97 -8.37 -7.53
C GLN A 55 -8.45 -8.20 -7.52
N LYS A 56 -7.79 -8.89 -8.43
CA LYS A 56 -6.33 -8.82 -8.55
C LYS A 56 -5.91 -7.53 -9.23
N THR A 57 -4.68 -7.07 -8.93
CA THR A 57 -4.16 -5.86 -9.53
C THR A 57 -2.82 -6.11 -10.20
N GLU A 58 -2.83 -6.15 -11.53
CA GLU A 58 -1.62 -6.38 -12.29
C GLU A 58 -1.70 -5.71 -13.67
N SER A 59 -0.58 -5.67 -14.37
CA SER A 59 -0.52 -5.05 -15.70
C SER A 59 -0.58 -6.11 -16.79
N GLY A 60 0.36 -7.06 -16.74
CA GLY A 60 0.39 -8.11 -17.73
C GLY A 60 0.17 -9.49 -17.13
N PRO A 61 0.08 -10.51 -17.98
CA PRO A 61 -0.14 -11.89 -17.55
C PRO A 61 1.07 -12.47 -16.82
N SER A 62 2.25 -12.34 -17.43
CA SER A 62 3.47 -12.84 -16.84
C SER A 62 4.03 -11.87 -15.80
N SER A 63 4.79 -12.40 -14.85
CA SER A 63 5.37 -11.58 -13.80
C SER A 63 6.89 -11.76 -13.75
N GLY A 64 7.54 -10.99 -12.88
CA GLY A 64 8.98 -11.08 -12.75
C GLY A 64 9.42 -12.20 -11.83
N GLY A 1 10.97 17.51 14.09
CA GLY A 1 10.18 18.33 15.00
C GLY A 1 9.13 17.53 15.73
N SER A 2 8.50 18.14 16.73
CA SER A 2 7.47 17.48 17.52
C SER A 2 6.17 18.28 17.50
N SER A 3 5.34 18.04 16.49
CA SER A 3 4.07 18.73 16.36
C SER A 3 3.21 18.12 15.25
N GLY A 4 1.91 18.24 15.39
CA GLY A 4 1.00 17.70 14.39
C GLY A 4 1.44 16.33 13.90
N SER A 5 0.93 15.28 14.53
CA SER A 5 1.29 13.91 14.15
C SER A 5 0.26 13.34 13.18
N SER A 6 -1.03 13.49 13.52
CA SER A 6 -2.10 12.98 12.69
C SER A 6 -1.95 11.48 12.45
N GLY A 7 -1.63 10.75 13.51
CA GLY A 7 -1.46 9.32 13.40
C GLY A 7 -0.03 8.88 13.66
N HIS A 8 0.13 7.87 14.50
CA HIS A 8 1.46 7.36 14.83
C HIS A 8 2.06 6.60 13.66
N PRO A 9 1.39 5.52 13.23
CA PRO A 9 1.84 4.70 12.11
C PRO A 9 1.72 5.42 10.77
N MET A 10 2.78 5.34 9.97
CA MET A 10 2.79 5.98 8.66
C MET A 10 3.72 5.24 7.70
N CYS A 11 3.67 5.61 6.43
CA CYS A 11 4.50 4.99 5.41
C CYS A 11 5.98 5.20 5.70
N LYS A 12 6.77 4.15 5.57
CA LYS A 12 8.20 4.22 5.81
C LYS A 12 8.83 5.38 5.05
N GLU A 13 8.41 5.54 3.79
CA GLU A 13 8.94 6.61 2.95
C GLU A 13 8.32 7.96 3.33
N HIS A 14 6.99 7.98 3.44
CA HIS A 14 6.28 9.20 3.80
C HIS A 14 5.81 9.15 5.25
N GLU A 15 6.25 10.13 6.04
CA GLU A 15 5.88 10.20 7.44
C GLU A 15 4.61 11.04 7.63
N ASP A 16 4.46 12.06 6.80
CA ASP A 16 3.30 12.95 6.87
C ASP A 16 2.16 12.41 6.01
N GLU A 17 2.50 12.00 4.79
CA GLU A 17 1.50 11.47 3.86
C GLU A 17 0.79 10.27 4.46
N LYS A 18 -0.53 10.39 4.64
CA LYS A 18 -1.32 9.31 5.20
C LYS A 18 -1.41 8.14 4.23
N ILE A 19 -1.50 6.93 4.78
CA ILE A 19 -1.59 5.72 3.96
C ILE A 19 -2.81 5.78 3.05
N ASN A 20 -2.57 5.68 1.74
CA ASN A 20 -3.65 5.72 0.76
C ASN A 20 -4.08 4.31 0.39
N ILE A 21 -3.11 3.44 0.11
CA ILE A 21 -3.38 2.06 -0.25
C ILE A 21 -2.66 1.09 0.66
N TYR A 22 -2.92 -0.20 0.48
CA TYR A 22 -2.29 -1.23 1.29
C TYR A 22 -1.60 -2.27 0.41
N CYS A 23 -0.40 -2.68 0.81
CA CYS A 23 0.36 -3.67 0.05
C CYS A 23 0.02 -5.08 0.52
N LEU A 24 0.07 -6.03 -0.41
CA LEU A 24 -0.23 -7.43 -0.10
C LEU A 24 1.05 -8.25 -0.01
N THR A 25 1.77 -8.35 -1.12
CA THR A 25 3.01 -9.11 -1.17
C THR A 25 3.74 -9.05 0.16
N CYS A 26 4.34 -7.91 0.47
CA CYS A 26 5.06 -7.73 1.72
C CYS A 26 4.10 -7.59 2.90
N GLU A 27 2.83 -7.38 2.59
CA GLU A 27 1.81 -7.23 3.61
C GLU A 27 2.08 -6.01 4.49
N VAL A 28 2.27 -4.86 3.85
CA VAL A 28 2.54 -3.62 4.57
C VAL A 28 1.76 -2.46 3.96
N PRO A 29 1.04 -1.73 4.81
CA PRO A 29 0.24 -0.57 4.39
C PRO A 29 1.11 0.61 3.97
N THR A 30 1.26 0.79 2.66
CA THR A 30 2.06 1.88 2.13
C THR A 30 1.24 2.79 1.23
N CYS A 31 1.70 4.03 1.07
CA CYS A 31 1.00 5.00 0.23
C CYS A 31 0.93 4.52 -1.22
N SER A 32 0.18 5.25 -2.04
CA SER A 32 0.02 4.90 -3.44
C SER A 32 1.07 5.60 -4.30
N MET A 33 2.02 6.26 -3.64
CA MET A 33 3.08 6.97 -4.34
C MET A 33 4.32 6.09 -4.49
N CYS A 34 4.56 5.25 -3.49
CA CYS A 34 5.71 4.35 -3.51
C CYS A 34 5.52 3.24 -4.53
N LYS A 35 4.32 2.66 -4.55
CA LYS A 35 4.00 1.59 -5.48
C LYS A 35 4.29 2.00 -6.92
N VAL A 36 3.65 3.08 -7.36
CA VAL A 36 3.84 3.59 -8.71
C VAL A 36 5.15 4.35 -8.83
N PHE A 37 5.50 5.10 -7.79
CA PHE A 37 6.72 5.88 -7.77
C PHE A 37 7.55 5.58 -6.53
N GLY A 38 8.06 4.34 -6.45
CA GLY A 38 8.87 3.95 -5.31
C GLY A 38 9.57 2.62 -5.54
N ILE A 39 9.61 1.79 -4.51
CA ILE A 39 10.25 0.48 -4.60
C ILE A 39 9.22 -0.64 -4.68
N HIS A 40 8.03 -0.37 -4.17
CA HIS A 40 6.95 -1.35 -4.19
C HIS A 40 6.45 -1.59 -5.60
N LYS A 41 7.28 -2.23 -6.42
CA LYS A 41 6.93 -2.51 -7.81
C LYS A 41 6.49 -3.97 -7.97
N ALA A 42 7.30 -4.89 -7.45
CA ALA A 42 7.00 -6.31 -7.52
C ALA A 42 6.03 -6.73 -6.41
N CYS A 43 5.13 -5.83 -6.06
CA CYS A 43 4.15 -6.11 -5.02
C CYS A 43 2.72 -5.99 -5.56
N GLU A 44 1.75 -6.12 -4.67
CA GLU A 44 0.34 -6.04 -5.06
C GLU A 44 -0.46 -5.23 -4.05
N VAL A 45 -0.84 -4.01 -4.42
CA VAL A 45 -1.61 -3.14 -3.54
C VAL A 45 -3.10 -3.35 -3.74
N ALA A 46 -3.86 -3.15 -2.67
CA ALA A 46 -5.31 -3.31 -2.72
C ALA A 46 -6.01 -2.21 -1.93
N PRO A 47 -7.32 -2.04 -2.20
CA PRO A 47 -8.14 -1.02 -1.53
C PRO A 47 -8.39 -1.35 -0.06
N LEU A 48 -7.76 -0.57 0.82
CA LEU A 48 -7.92 -0.78 2.26
C LEU A 48 -9.34 -1.23 2.60
N GLN A 49 -10.31 -0.63 1.93
CA GLN A 49 -11.72 -0.96 2.16
C GLN A 49 -11.87 -2.44 2.53
N SER A 50 -11.70 -3.31 1.54
CA SER A 50 -11.82 -4.74 1.75
C SER A 50 -10.68 -5.50 1.08
N VAL A 51 -9.52 -4.84 0.98
CA VAL A 51 -8.35 -5.45 0.35
C VAL A 51 -8.76 -6.38 -0.78
N PHE A 52 -9.55 -5.87 -1.71
CA PHE A 52 -10.02 -6.66 -2.85
C PHE A 52 -8.91 -6.80 -3.90
N GLN A 53 -8.84 -7.97 -4.52
CA GLN A 53 -7.83 -8.23 -5.54
C GLN A 53 -8.43 -9.04 -6.70
N GLY A 54 -8.54 -8.40 -7.86
CA GLY A 54 -9.09 -9.07 -9.02
C GLY A 54 -8.45 -8.62 -10.31
N GLN A 55 -7.11 -8.59 -10.33
CA GLN A 55 -6.36 -8.17 -11.51
C GLN A 55 -7.10 -7.05 -12.25
N LYS A 56 -7.58 -6.07 -11.49
CA LYS A 56 -8.29 -4.94 -12.07
C LYS A 56 -7.35 -3.78 -12.35
N THR A 57 -6.21 -3.78 -11.67
CA THR A 57 -5.22 -2.72 -11.83
C THR A 57 -4.48 -2.87 -13.15
N GLU A 58 -3.97 -1.76 -13.68
CA GLU A 58 -3.24 -1.78 -14.94
C GLU A 58 -2.37 -3.03 -15.05
N SER A 59 -2.73 -3.91 -15.98
CA SER A 59 -1.99 -5.15 -16.18
C SER A 59 -0.74 -4.91 -17.01
N GLY A 60 -0.04 -3.81 -16.73
CA GLY A 60 1.17 -3.49 -17.46
C GLY A 60 2.40 -3.46 -16.57
N PRO A 61 3.24 -4.50 -16.69
CA PRO A 61 4.46 -4.60 -15.89
C PRO A 61 5.51 -3.58 -16.31
N SER A 62 5.44 -2.40 -15.72
CA SER A 62 6.38 -1.32 -16.03
C SER A 62 7.80 -1.71 -15.61
N SER A 63 8.77 -1.36 -16.44
CA SER A 63 10.17 -1.68 -16.16
C SER A 63 10.83 -0.55 -15.37
N GLY A 64 12.07 -0.78 -14.95
CA GLY A 64 12.79 0.23 -14.18
C GLY A 64 14.25 -0.12 -14.01
N GLY A 1 -5.02 -7.04 14.91
CA GLY A 1 -4.46 -5.75 15.27
C GLY A 1 -5.45 -4.88 16.01
N SER A 2 -5.12 -4.50 17.24
CA SER A 2 -5.99 -3.66 18.05
C SER A 2 -5.19 -2.57 18.76
N SER A 3 -5.39 -1.33 18.33
CA SER A 3 -4.69 -0.20 18.93
C SER A 3 -5.44 1.10 18.69
N GLY A 4 -5.23 2.07 19.57
CA GLY A 4 -5.90 3.36 19.43
C GLY A 4 -4.97 4.53 19.71
N SER A 5 -3.83 4.56 19.05
CA SER A 5 -2.85 5.63 19.23
C SER A 5 -3.38 6.94 18.68
N SER A 6 -2.74 8.04 19.06
CA SER A 6 -3.14 9.36 18.61
C SER A 6 -3.14 9.44 17.09
N GLY A 7 -1.96 9.24 16.50
CA GLY A 7 -1.84 9.29 15.05
C GLY A 7 -1.53 7.95 14.45
N HIS A 8 -2.28 7.57 13.42
CA HIS A 8 -2.08 6.28 12.74
C HIS A 8 -0.68 6.20 12.14
N PRO A 9 -0.23 4.97 11.86
CA PRO A 9 1.09 4.72 11.28
C PRO A 9 1.18 5.19 9.83
N MET A 10 2.08 6.15 9.58
CA MET A 10 2.27 6.69 8.24
C MET A 10 3.40 5.97 7.52
N CYS A 11 3.37 6.02 6.20
CA CYS A 11 4.40 5.36 5.38
C CYS A 11 5.80 5.77 5.85
N LYS A 12 6.64 4.77 6.09
CA LYS A 12 8.00 5.02 6.53
C LYS A 12 8.77 5.86 5.52
N GLU A 13 8.65 5.50 4.24
CA GLU A 13 9.32 6.23 3.18
C GLU A 13 9.05 7.72 3.27
N HIS A 14 7.76 8.07 3.31
CA HIS A 14 7.35 9.46 3.40
C HIS A 14 7.28 9.92 4.86
N GLU A 15 7.21 11.23 5.06
CA GLU A 15 7.13 11.79 6.40
C GLU A 15 5.74 12.34 6.68
N ASP A 16 5.18 13.06 5.72
CA ASP A 16 3.86 13.65 5.87
C ASP A 16 2.90 13.09 4.80
N GLU A 17 2.90 11.78 4.65
CA GLU A 17 2.04 11.12 3.67
C GLU A 17 1.26 9.98 4.32
N LYS A 18 0.01 10.26 4.67
CA LYS A 18 -0.85 9.26 5.30
C LYS A 18 -1.01 8.04 4.39
N ILE A 19 -1.36 6.90 4.99
CA ILE A 19 -1.55 5.67 4.24
C ILE A 19 -2.80 5.73 3.38
N ASN A 20 -2.63 5.44 2.09
CA ASN A 20 -3.75 5.46 1.15
C ASN A 20 -4.15 4.04 0.74
N ILE A 21 -3.14 3.23 0.41
CA ILE A 21 -3.40 1.86 -0.01
C ILE A 21 -2.65 0.87 0.89
N TYR A 22 -2.89 -0.42 0.68
CA TYR A 22 -2.24 -1.46 1.47
C TYR A 22 -1.58 -2.49 0.57
N CYS A 23 -0.32 -2.81 0.87
CA CYS A 23 0.44 -3.78 0.08
C CYS A 23 0.15 -5.20 0.57
N LEU A 24 0.06 -6.13 -0.38
CA LEU A 24 -0.21 -7.52 -0.04
C LEU A 24 1.10 -8.33 0.00
N THR A 25 1.76 -8.44 -1.14
CA THR A 25 3.02 -9.17 -1.23
C THR A 25 3.77 -9.13 0.09
N CYS A 26 4.34 -7.97 0.41
CA CYS A 26 5.09 -7.79 1.64
C CYS A 26 4.15 -7.68 2.84
N GLU A 27 2.88 -7.42 2.56
CA GLU A 27 1.88 -7.28 3.62
C GLU A 27 2.19 -6.08 4.50
N VAL A 28 2.32 -4.91 3.88
CA VAL A 28 2.62 -3.68 4.61
C VAL A 28 1.81 -2.51 4.05
N PRO A 29 1.07 -1.85 4.95
CA PRO A 29 0.24 -0.70 4.57
C PRO A 29 1.07 0.53 4.21
N THR A 30 1.37 0.66 2.92
CA THR A 30 2.17 1.79 2.45
C THR A 30 1.33 2.71 1.57
N CYS A 31 1.84 3.92 1.32
CA CYS A 31 1.14 4.90 0.51
C CYS A 31 1.00 4.40 -0.93
N SER A 32 0.25 5.15 -1.73
CA SER A 32 0.03 4.79 -3.13
C SER A 32 1.01 5.52 -4.04
N MET A 33 1.97 6.20 -3.44
CA MET A 33 2.97 6.95 -4.20
C MET A 33 4.24 6.11 -4.38
N CYS A 34 4.52 5.25 -3.40
CA CYS A 34 5.70 4.40 -3.45
C CYS A 34 5.51 3.24 -4.43
N LYS A 35 4.29 2.70 -4.45
CA LYS A 35 3.97 1.59 -5.33
C LYS A 35 4.21 1.97 -6.80
N VAL A 36 3.50 3.00 -7.26
CA VAL A 36 3.63 3.46 -8.64
C VAL A 36 4.91 4.26 -8.82
N PHE A 37 5.29 5.01 -7.79
CA PHE A 37 6.50 5.83 -7.84
C PHE A 37 7.34 5.63 -6.58
N GLY A 38 7.96 4.46 -6.48
CA GLY A 38 8.79 4.16 -5.33
C GLY A 38 9.61 2.90 -5.51
N ILE A 39 9.35 1.90 -4.67
CA ILE A 39 10.07 0.63 -4.75
C ILE A 39 9.11 -0.55 -4.81
N HIS A 40 7.93 -0.38 -4.22
CA HIS A 40 6.92 -1.42 -4.21
C HIS A 40 6.34 -1.64 -5.61
N LYS A 41 7.16 -2.18 -6.50
CA LYS A 41 6.74 -2.44 -7.86
C LYS A 41 6.36 -3.90 -8.05
N ALA A 42 7.18 -4.80 -7.53
CA ALA A 42 6.93 -6.23 -7.63
C ALA A 42 5.97 -6.70 -6.55
N CYS A 43 5.05 -5.82 -6.17
CA CYS A 43 4.07 -6.14 -5.14
C CYS A 43 2.64 -6.02 -5.69
N GLU A 44 1.67 -6.33 -4.84
CA GLU A 44 0.27 -6.26 -5.24
C GLU A 44 -0.55 -5.47 -4.23
N VAL A 45 -0.97 -4.27 -4.61
CA VAL A 45 -1.77 -3.42 -3.72
C VAL A 45 -3.26 -3.61 -3.98
N ALA A 46 -4.06 -3.51 -2.91
CA ALA A 46 -5.50 -3.66 -3.03
C ALA A 46 -6.22 -2.43 -2.49
N PRO A 47 -7.53 -2.35 -2.75
CA PRO A 47 -8.37 -1.24 -2.30
C PRO A 47 -8.57 -1.24 -0.78
N LEU A 48 -7.69 -0.55 -0.07
CA LEU A 48 -7.77 -0.48 1.39
C LEU A 48 -9.22 -0.34 1.84
N GLN A 49 -10.00 0.45 1.11
CA GLN A 49 -11.41 0.66 1.43
C GLN A 49 -12.08 -0.67 1.79
N SER A 50 -11.85 -1.68 0.97
CA SER A 50 -12.44 -3.00 1.19
C SER A 50 -11.36 -4.08 1.21
N VAL A 51 -10.49 -4.06 0.22
CA VAL A 51 -9.41 -5.03 0.12
C VAL A 51 -9.96 -6.43 -0.15
N PHE A 52 -10.75 -6.56 -1.20
CA PHE A 52 -11.34 -7.84 -1.57
C PHE A 52 -11.41 -7.99 -3.07
N GLN A 53 -11.30 -9.23 -3.54
CA GLN A 53 -11.35 -9.53 -4.97
C GLN A 53 -12.38 -8.65 -5.67
N GLY A 54 -11.96 -7.95 -6.71
CA GLY A 54 -12.87 -7.09 -7.45
C GLY A 54 -12.13 -6.15 -8.40
N GLN A 55 -12.00 -4.88 -8.00
CA GLN A 55 -11.32 -3.89 -8.81
C GLN A 55 -10.10 -4.49 -9.49
N LYS A 56 -9.77 -3.98 -10.67
CA LYS A 56 -8.62 -4.46 -11.42
C LYS A 56 -7.70 -3.31 -11.80
N THR A 57 -6.39 -3.53 -11.69
CA THR A 57 -5.40 -2.51 -12.02
C THR A 57 -4.66 -2.87 -13.31
N GLU A 58 -5.40 -3.32 -14.31
CA GLU A 58 -4.81 -3.69 -15.59
C GLU A 58 -3.88 -4.88 -15.43
N SER A 59 -4.29 -5.85 -14.63
CA SER A 59 -3.48 -7.04 -14.39
C SER A 59 -2.96 -7.63 -15.70
N GLY A 60 -3.87 -7.82 -16.66
CA GLY A 60 -3.48 -8.36 -17.95
C GLY A 60 -4.60 -8.29 -18.96
N PRO A 61 -4.46 -7.38 -19.95
CA PRO A 61 -5.46 -7.20 -21.01
C PRO A 61 -5.51 -8.38 -21.97
N SER A 62 -4.48 -9.20 -21.94
CA SER A 62 -4.40 -10.37 -22.81
C SER A 62 -4.78 -11.64 -22.05
N SER A 63 -5.19 -12.66 -22.79
CA SER A 63 -5.58 -13.94 -22.19
C SER A 63 -6.42 -13.70 -20.94
N GLY A 64 -7.35 -12.75 -21.02
CA GLY A 64 -8.21 -12.45 -19.89
C GLY A 64 -9.58 -11.97 -20.32
N GLY A 1 -3.35 -2.36 29.05
CA GLY A 1 -2.40 -1.32 29.41
C GLY A 1 -2.75 0.02 28.81
N SER A 2 -1.91 1.02 29.04
CA SER A 2 -2.14 2.36 28.53
C SER A 2 -1.00 2.81 27.62
N SER A 3 -0.53 1.90 26.77
CA SER A 3 0.56 2.19 25.86
C SER A 3 0.17 1.89 24.42
N GLY A 4 0.90 2.45 23.47
CA GLY A 4 0.61 2.23 22.06
C GLY A 4 1.56 2.98 21.15
N SER A 5 0.99 3.80 20.27
CA SER A 5 1.79 4.58 19.33
C SER A 5 1.47 6.07 19.45
N SER A 6 2.37 6.90 18.93
CA SER A 6 2.20 8.35 18.99
C SER A 6 1.53 8.86 17.72
N GLY A 7 0.20 9.00 17.77
CA GLY A 7 -0.54 9.48 16.62
C GLY A 7 -0.99 8.36 15.71
N HIS A 8 -1.31 8.70 14.47
CA HIS A 8 -1.75 7.71 13.49
C HIS A 8 -0.57 7.14 12.72
N PRO A 9 -0.72 5.89 12.25
CA PRO A 9 0.33 5.20 11.49
C PRO A 9 0.54 5.80 10.11
N MET A 10 1.80 6.06 9.77
CA MET A 10 2.13 6.64 8.47
C MET A 10 3.08 5.72 7.69
N CYS A 11 3.34 6.08 6.44
CA CYS A 11 4.22 5.29 5.59
C CYS A 11 5.67 5.42 6.05
N LYS A 12 6.35 4.28 6.18
CA LYS A 12 7.74 4.27 6.61
C LYS A 12 8.57 5.28 5.82
N GLU A 13 8.30 5.35 4.51
CA GLU A 13 9.03 6.27 3.64
C GLU A 13 8.38 7.66 3.67
N HIS A 14 7.07 7.70 3.48
CA HIS A 14 6.33 8.96 3.48
C HIS A 14 5.66 9.20 4.83
N GLU A 15 6.34 9.93 5.71
CA GLU A 15 5.81 10.23 7.03
C GLU A 15 4.97 11.50 7.00
N ASP A 16 4.66 11.97 5.80
CA ASP A 16 3.87 13.18 5.65
C ASP A 16 2.46 12.86 5.16
N GLU A 17 2.39 12.14 4.03
CA GLU A 17 1.10 11.76 3.46
C GLU A 17 0.56 10.50 4.14
N LYS A 18 -0.75 10.49 4.39
CA LYS A 18 -1.39 9.36 5.03
C LYS A 18 -1.35 8.12 4.12
N ILE A 19 -1.62 6.96 4.70
CA ILE A 19 -1.61 5.71 3.95
C ILE A 19 -2.77 5.65 2.96
N ASN A 20 -2.45 5.73 1.68
CA ASN A 20 -3.47 5.68 0.63
C ASN A 20 -3.97 4.26 0.41
N ILE A 21 -3.02 3.34 0.22
CA ILE A 21 -3.35 1.94 -0.01
C ILE A 21 -2.50 1.02 0.87
N TYR A 22 -2.80 -0.28 0.82
CA TYR A 22 -2.06 -1.25 1.62
C TYR A 22 -1.41 -2.30 0.71
N CYS A 23 -0.15 -2.60 0.97
CA CYS A 23 0.58 -3.59 0.18
C CYS A 23 0.31 -5.00 0.69
N LEU A 24 0.19 -5.95 -0.23
CA LEU A 24 -0.08 -7.34 0.12
C LEU A 24 1.21 -8.15 0.13
N THR A 25 1.90 -8.17 -1.00
CA THR A 25 3.16 -8.92 -1.12
C THR A 25 3.96 -8.86 0.18
N CYS A 26 4.43 -7.67 0.52
CA CYS A 26 5.22 -7.49 1.74
C CYS A 26 4.30 -7.29 2.95
N GLU A 27 2.99 -7.35 2.71
CA GLU A 27 2.01 -7.18 3.77
C GLU A 27 2.35 -5.98 4.65
N VAL A 28 2.49 -4.82 4.00
CA VAL A 28 2.82 -3.59 4.72
C VAL A 28 1.99 -2.42 4.21
N PRO A 29 1.27 -1.75 5.14
CA PRO A 29 0.42 -0.61 4.81
C PRO A 29 1.23 0.62 4.40
N THR A 30 1.61 0.67 3.13
CA THR A 30 2.39 1.79 2.61
C THR A 30 1.56 2.62 1.63
N CYS A 31 1.91 3.90 1.51
CA CYS A 31 1.20 4.80 0.60
C CYS A 31 1.15 4.22 -0.81
N SER A 32 0.62 4.99 -1.74
CA SER A 32 0.51 4.56 -3.13
C SER A 32 1.69 5.06 -3.96
N MET A 33 2.26 6.19 -3.54
CA MET A 33 3.39 6.78 -4.24
C MET A 33 4.55 5.79 -4.33
N CYS A 34 4.73 5.01 -3.26
CA CYS A 34 5.80 4.02 -3.23
C CYS A 34 5.50 2.85 -4.16
N LYS A 35 4.23 2.67 -4.48
CA LYS A 35 3.80 1.59 -5.37
C LYS A 35 3.88 2.03 -6.83
N VAL A 36 3.20 3.13 -7.15
CA VAL A 36 3.20 3.65 -8.52
C VAL A 36 4.61 4.02 -8.96
N PHE A 37 5.44 4.43 -8.01
CA PHE A 37 6.81 4.81 -8.31
C PHE A 37 7.80 4.03 -7.45
N GLY A 38 7.66 4.16 -6.13
CA GLY A 38 8.54 3.46 -5.22
C GLY A 38 8.86 2.06 -5.68
N ILE A 39 9.90 1.46 -5.10
CA ILE A 39 10.32 0.12 -5.47
C ILE A 39 9.17 -0.88 -5.31
N HIS A 40 8.11 -0.43 -4.64
CA HIS A 40 6.94 -1.28 -4.42
C HIS A 40 6.12 -1.43 -5.69
N LYS A 41 6.80 -1.67 -6.82
CA LYS A 41 6.14 -1.83 -8.10
C LYS A 41 5.80 -3.29 -8.36
N ALA A 42 6.73 -4.18 -8.03
CA ALA A 42 6.53 -5.60 -8.23
C ALA A 42 5.45 -6.15 -7.28
N CYS A 43 5.26 -5.45 -6.16
CA CYS A 43 4.28 -5.86 -5.17
C CYS A 43 2.87 -5.75 -5.73
N GLU A 44 1.88 -6.05 -4.91
CA GLU A 44 0.48 -5.98 -5.32
C GLU A 44 -0.38 -5.29 -4.27
N VAL A 45 -0.69 -4.02 -4.51
CA VAL A 45 -1.50 -3.25 -3.58
C VAL A 45 -2.99 -3.43 -3.86
N ALA A 46 -3.81 -3.22 -2.84
CA ALA A 46 -5.25 -3.36 -2.97
C ALA A 46 -5.98 -2.17 -2.35
N PRO A 47 -7.29 -2.09 -2.60
CA PRO A 47 -8.13 -1.00 -2.06
C PRO A 47 -8.33 -1.12 -0.56
N LEU A 48 -7.50 -0.42 0.19
CA LEU A 48 -7.58 -0.43 1.66
C LEU A 48 -9.02 -0.62 2.12
N GLN A 49 -9.96 -0.01 1.38
CA GLN A 49 -11.37 -0.12 1.71
C GLN A 49 -11.89 -1.53 1.49
N SER A 50 -11.77 -2.37 2.52
CA SER A 50 -12.22 -3.75 2.44
C SER A 50 -11.44 -4.51 1.36
N VAL A 51 -10.12 -4.49 1.48
CA VAL A 51 -9.25 -5.18 0.53
C VAL A 51 -9.58 -6.67 0.46
N PHE A 52 -10.36 -7.05 -0.55
CA PHE A 52 -10.74 -8.45 -0.73
C PHE A 52 -9.70 -9.20 -1.54
N GLN A 53 -9.41 -8.69 -2.73
CA GLN A 53 -8.42 -9.32 -3.60
C GLN A 53 -7.90 -8.32 -4.64
N GLY A 54 -6.69 -8.57 -5.13
CA GLY A 54 -6.09 -7.69 -6.11
C GLY A 54 -5.32 -8.44 -7.17
N GLN A 55 -4.07 -8.75 -6.88
CA GLN A 55 -3.22 -9.47 -7.83
C GLN A 55 -3.51 -9.04 -9.26
N LYS A 56 -3.70 -7.74 -9.46
CA LYS A 56 -3.98 -7.19 -10.78
C LYS A 56 -3.92 -5.67 -10.77
N THR A 57 -2.86 -5.12 -11.34
CA THR A 57 -2.69 -3.67 -11.39
C THR A 57 -3.10 -3.12 -12.75
N GLU A 58 -2.50 -3.66 -13.81
CA GLU A 58 -2.80 -3.22 -15.17
C GLU A 58 -3.48 -4.33 -15.97
N SER A 59 -3.96 -3.99 -17.16
CA SER A 59 -4.63 -4.96 -18.01
C SER A 59 -3.65 -5.55 -19.02
N GLY A 60 -2.98 -4.68 -19.77
CA GLY A 60 -2.03 -5.13 -20.76
C GLY A 60 -2.55 -5.00 -22.17
N PRO A 61 -1.62 -4.98 -23.14
CA PRO A 61 -1.98 -4.85 -24.57
C PRO A 61 -2.67 -6.11 -25.11
N SER A 62 -2.24 -7.27 -24.60
CA SER A 62 -2.81 -8.54 -25.03
C SER A 62 -4.06 -8.88 -24.23
N SER A 63 -4.84 -9.83 -24.74
CA SER A 63 -6.06 -10.25 -24.06
C SER A 63 -5.78 -11.27 -22.98
N GLY A 64 -4.88 -12.22 -23.28
CA GLY A 64 -4.52 -13.24 -22.32
C GLY A 64 -5.70 -14.14 -21.97
N GLY A 1 4.08 -13.44 18.17
CA GLY A 1 3.57 -14.73 17.75
C GLY A 1 3.46 -14.84 16.23
N SER A 2 2.80 -15.90 15.76
CA SER A 2 2.63 -16.12 14.34
C SER A 2 1.50 -15.25 13.78
N SER A 3 1.50 -13.98 14.17
CA SER A 3 0.46 -13.05 13.72
C SER A 3 0.78 -12.55 12.31
N GLY A 4 -0.21 -12.65 11.42
CA GLY A 4 -0.02 -12.19 10.06
C GLY A 4 0.01 -10.68 9.94
N SER A 5 -1.01 -10.12 9.29
CA SER A 5 -1.09 -8.67 9.11
C SER A 5 -0.92 -7.95 10.45
N SER A 6 0.18 -7.22 10.58
CA SER A 6 0.46 -6.47 11.80
C SER A 6 -0.13 -5.07 11.74
N GLY A 7 0.30 -4.29 10.75
CA GLY A 7 -0.20 -2.94 10.59
C GLY A 7 0.82 -1.90 11.00
N HIS A 8 1.71 -1.55 10.06
CA HIS A 8 2.74 -0.55 10.34
C HIS A 8 2.15 0.85 10.35
N PRO A 9 2.81 1.76 11.09
CA PRO A 9 2.36 3.15 11.21
C PRO A 9 2.55 3.93 9.91
N MET A 10 2.31 5.24 9.98
CA MET A 10 2.46 6.10 8.80
C MET A 10 3.63 5.64 7.94
N CYS A 11 3.57 5.98 6.65
CA CYS A 11 4.63 5.61 5.72
C CYS A 11 5.93 6.30 6.08
N LYS A 12 6.99 5.52 6.24
CA LYS A 12 8.31 6.04 6.59
C LYS A 12 8.79 7.02 5.51
N GLU A 13 8.94 6.52 4.29
CA GLU A 13 9.41 7.34 3.19
C GLU A 13 8.72 8.70 3.19
N HIS A 14 7.40 8.69 3.03
CA HIS A 14 6.62 9.92 3.02
C HIS A 14 6.82 10.70 4.31
N GLU A 15 6.06 11.78 4.47
CA GLU A 15 6.14 12.61 5.66
C GLU A 15 4.80 12.68 6.38
N ASP A 16 4.58 11.76 7.30
CA ASP A 16 3.34 11.73 8.07
C ASP A 16 2.13 11.79 7.14
N GLU A 17 2.19 11.02 6.05
CA GLU A 17 1.11 10.99 5.08
C GLU A 17 0.23 9.75 5.28
N LYS A 18 -0.89 9.93 5.97
CA LYS A 18 -1.81 8.83 6.24
C LYS A 18 -1.81 7.84 5.07
N ILE A 19 -1.36 6.62 5.36
CA ILE A 19 -1.31 5.58 4.33
C ILE A 19 -2.55 5.61 3.45
N ASN A 20 -2.33 5.55 2.14
CA ASN A 20 -3.42 5.57 1.18
C ASN A 20 -3.93 4.17 0.88
N ILE A 21 -3.04 3.32 0.37
CA ILE A 21 -3.40 1.94 0.04
C ILE A 21 -2.63 0.96 0.93
N TYR A 22 -2.95 -0.32 0.79
CA TYR A 22 -2.29 -1.36 1.57
C TYR A 22 -1.67 -2.42 0.66
N CYS A 23 -0.40 -2.72 0.89
CA CYS A 23 0.31 -3.71 0.09
C CYS A 23 -0.03 -5.13 0.56
N LEU A 24 0.05 -6.08 -0.38
CA LEU A 24 -0.26 -7.47 -0.07
C LEU A 24 1.00 -8.32 -0.10
N THR A 25 1.66 -8.37 -1.26
CA THR A 25 2.87 -9.14 -1.42
C THR A 25 3.68 -9.17 -0.13
N CYS A 26 4.17 -8.01 0.28
CA CYS A 26 4.96 -7.90 1.50
C CYS A 26 4.06 -7.83 2.73
N GLU A 27 2.77 -7.59 2.49
CA GLU A 27 1.81 -7.49 3.59
C GLU A 27 2.11 -6.29 4.48
N VAL A 28 2.23 -5.13 3.87
CA VAL A 28 2.52 -3.90 4.62
C VAL A 28 1.72 -2.73 4.06
N PRO A 29 1.04 -2.00 4.97
CA PRO A 29 0.22 -0.85 4.61
C PRO A 29 1.07 0.34 4.15
N THR A 30 1.36 0.38 2.86
CA THR A 30 2.17 1.46 2.30
C THR A 30 1.35 2.30 1.31
N CYS A 31 1.68 3.58 1.21
CA CYS A 31 0.98 4.48 0.31
C CYS A 31 0.96 3.91 -1.11
N SER A 32 0.45 4.71 -2.05
CA SER A 32 0.36 4.29 -3.44
C SER A 32 1.55 4.79 -4.25
N MET A 33 1.95 6.04 -3.98
CA MET A 33 3.08 6.64 -4.67
C MET A 33 4.30 5.73 -4.60
N CYS A 34 4.54 5.16 -3.44
CA CYS A 34 5.68 4.27 -3.24
C CYS A 34 5.52 2.98 -4.02
N LYS A 35 4.32 2.78 -4.57
CA LYS A 35 4.02 1.58 -5.35
C LYS A 35 4.19 1.85 -6.84
N VAL A 36 3.67 2.98 -7.30
CA VAL A 36 3.78 3.35 -8.71
C VAL A 36 5.12 4.01 -9.00
N PHE A 37 5.73 4.58 -7.97
CA PHE A 37 7.02 5.25 -8.12
C PHE A 37 8.07 4.62 -7.21
N GLY A 38 7.70 4.38 -5.96
CA GLY A 38 8.62 3.77 -5.00
C GLY A 38 9.19 2.46 -5.51
N ILE A 39 9.80 1.70 -4.60
CA ILE A 39 10.38 0.42 -4.95
C ILE A 39 9.33 -0.69 -4.96
N HIS A 40 8.17 -0.39 -4.38
CA HIS A 40 7.08 -1.35 -4.32
C HIS A 40 6.45 -1.55 -5.70
N LYS A 41 7.23 -2.12 -6.62
CA LYS A 41 6.77 -2.36 -7.98
C LYS A 41 6.38 -3.82 -8.16
N ALA A 42 7.16 -4.73 -7.57
CA ALA A 42 6.90 -6.15 -7.66
C ALA A 42 5.90 -6.59 -6.60
N CYS A 43 4.98 -5.70 -6.24
CA CYS A 43 3.97 -6.00 -5.23
C CYS A 43 2.56 -5.81 -5.79
N GLU A 44 1.56 -6.14 -4.99
CA GLU A 44 0.17 -6.01 -5.41
C GLU A 44 -0.66 -5.33 -4.33
N VAL A 45 -1.00 -4.06 -4.55
CA VAL A 45 -1.80 -3.30 -3.60
C VAL A 45 -3.29 -3.47 -3.88
N ALA A 46 -4.10 -3.24 -2.85
CA ALA A 46 -5.55 -3.36 -2.98
C ALA A 46 -6.25 -2.13 -2.43
N PRO A 47 -7.56 -2.01 -2.72
CA PRO A 47 -8.38 -0.88 -2.25
C PRO A 47 -8.61 -0.92 -0.75
N LEU A 48 -7.70 -0.29 0.00
CA LEU A 48 -7.81 -0.25 1.46
C LEU A 48 -9.28 -0.25 1.89
N GLN A 49 -10.02 0.77 1.46
CA GLN A 49 -11.43 0.88 1.82
C GLN A 49 -12.08 -0.50 1.90
N SER A 50 -11.85 -1.33 0.89
CA SER A 50 -12.42 -2.67 0.86
C SER A 50 -11.35 -3.69 0.47
N VAL A 51 -10.60 -4.16 1.46
CA VAL A 51 -9.56 -5.15 1.23
C VAL A 51 -10.10 -6.57 1.35
N PHE A 52 -11.06 -6.90 0.51
CA PHE A 52 -11.67 -8.23 0.51
C PHE A 52 -10.85 -9.21 -0.31
N GLN A 53 -10.48 -8.78 -1.52
CA GLN A 53 -9.70 -9.63 -2.42
C GLN A 53 -8.63 -8.81 -3.15
N GLY A 54 -7.59 -9.48 -3.63
CA GLY A 54 -6.53 -8.79 -4.34
C GLY A 54 -5.95 -9.63 -5.46
N GLN A 55 -6.19 -9.22 -6.70
CA GLN A 55 -5.69 -9.95 -7.86
C GLN A 55 -4.89 -9.02 -8.78
N LYS A 56 -5.43 -7.83 -9.02
CA LYS A 56 -4.77 -6.85 -9.88
C LYS A 56 -5.40 -5.47 -9.70
N THR A 57 -4.62 -4.44 -10.02
CA THR A 57 -5.09 -3.06 -9.88
C THR A 57 -6.38 -2.85 -10.67
N GLU A 58 -7.29 -2.07 -10.11
CA GLU A 58 -8.57 -1.79 -10.75
C GLU A 58 -8.36 -1.33 -12.19
N SER A 59 -7.54 -0.29 -12.36
CA SER A 59 -7.26 0.25 -13.68
C SER A 59 -6.21 -0.60 -14.41
N GLY A 60 -6.21 -0.51 -15.73
CA GLY A 60 -5.25 -1.27 -16.52
C GLY A 60 -4.27 -0.39 -17.26
N PRO A 61 -2.98 -0.56 -16.98
CA PRO A 61 -1.91 0.22 -17.60
C PRO A 61 -1.73 -0.13 -19.08
N SER A 62 -2.26 0.72 -19.96
CA SER A 62 -2.16 0.49 -21.40
C SER A 62 -0.73 0.68 -21.87
N SER A 63 -0.01 -0.43 -21.99
CA SER A 63 1.39 -0.38 -22.44
C SER A 63 1.55 -1.07 -23.79
N GLY A 64 0.73 -2.09 -24.02
CA GLY A 64 0.79 -2.82 -25.28
C GLY A 64 1.76 -4.00 -25.23
N GLY A 1 7.85 14.22 13.47
CA GLY A 1 7.47 13.48 14.67
C GLY A 1 5.99 13.57 14.96
N SER A 2 5.42 12.49 15.47
CA SER A 2 3.99 12.44 15.79
C SER A 2 3.74 12.99 17.19
N SER A 3 2.54 13.53 17.39
CA SER A 3 2.16 14.09 18.69
C SER A 3 0.68 14.44 18.73
N GLY A 4 0.21 14.88 19.89
CA GLY A 4 -1.19 15.23 20.03
C GLY A 4 -2.12 14.25 19.32
N SER A 5 -2.69 14.70 18.21
CA SER A 5 -3.60 13.85 17.43
C SER A 5 -2.94 12.53 17.07
N SER A 6 -3.60 11.44 17.42
CA SER A 6 -3.08 10.10 17.13
C SER A 6 -4.08 9.30 16.31
N GLY A 7 -3.57 8.27 15.62
CA GLY A 7 -4.43 7.45 14.79
C GLY A 7 -3.65 6.38 14.03
N HIS A 8 -4.06 6.12 12.80
CA HIS A 8 -3.39 5.12 11.97
C HIS A 8 -1.94 5.52 11.69
N PRO A 9 -1.09 4.52 11.41
CA PRO A 9 0.32 4.74 11.13
C PRO A 9 0.54 5.43 9.78
N MET A 10 1.77 5.89 9.55
CA MET A 10 2.11 6.56 8.31
C MET A 10 3.19 5.79 7.54
N CYS A 11 3.29 6.06 6.25
CA CYS A 11 4.28 5.39 5.40
C CYS A 11 5.70 5.76 5.83
N LYS A 12 6.45 4.76 6.28
CA LYS A 12 7.83 4.98 6.71
C LYS A 12 8.53 6.00 5.82
N GLU A 13 8.37 5.84 4.51
CA GLU A 13 8.98 6.74 3.55
C GLU A 13 8.41 8.15 3.68
N HIS A 14 7.09 8.27 3.53
CA HIS A 14 6.42 9.55 3.62
C HIS A 14 5.71 9.70 4.97
N GLU A 15 6.29 10.48 5.87
CA GLU A 15 5.71 10.69 7.18
C GLU A 15 4.73 11.86 7.18
N ASP A 16 4.54 12.45 6.00
CA ASP A 16 3.63 13.58 5.85
C ASP A 16 2.25 13.10 5.43
N GLU A 17 2.19 12.30 4.38
CA GLU A 17 0.92 11.79 3.87
C GLU A 17 0.56 10.46 4.55
N LYS A 18 -0.71 10.30 4.87
CA LYS A 18 -1.19 9.08 5.53
C LYS A 18 -1.27 7.93 4.53
N ILE A 19 -1.38 6.71 5.06
CA ILE A 19 -1.46 5.52 4.22
C ILE A 19 -2.72 5.56 3.35
N ASN A 20 -2.51 5.57 2.03
CA ASN A 20 -3.62 5.60 1.09
C ASN A 20 -4.04 4.18 0.69
N ILE A 21 -3.06 3.32 0.45
CA ILE A 21 -3.33 1.94 0.08
C ILE A 21 -2.54 0.97 0.95
N TYR A 22 -2.81 -0.32 0.77
CA TYR A 22 -2.13 -1.35 1.54
C TYR A 22 -1.47 -2.38 0.62
N CYS A 23 -0.22 -2.70 0.91
CA CYS A 23 0.52 -3.67 0.11
C CYS A 23 0.30 -5.09 0.62
N LEU A 24 0.12 -6.03 -0.31
CA LEU A 24 -0.10 -7.42 0.05
C LEU A 24 1.21 -8.19 0.09
N THR A 25 1.91 -8.20 -1.04
CA THR A 25 3.18 -8.90 -1.14
C THR A 25 3.96 -8.84 0.18
N CYS A 26 4.44 -7.64 0.51
CA CYS A 26 5.19 -7.45 1.75
C CYS A 26 4.25 -7.27 2.93
N GLU A 27 2.95 -7.35 2.67
CA GLU A 27 1.95 -7.20 3.72
C GLU A 27 2.25 -6.00 4.60
N VAL A 28 2.40 -4.83 3.98
CA VAL A 28 2.68 -3.60 4.70
C VAL A 28 1.90 -2.43 4.12
N PRO A 29 1.19 -1.70 5.01
CA PRO A 29 0.38 -0.55 4.62
C PRO A 29 1.24 0.64 4.19
N THR A 30 1.49 0.75 2.89
CA THR A 30 2.30 1.83 2.36
C THR A 30 1.50 2.68 1.36
N CYS A 31 1.88 3.94 1.24
CA CYS A 31 1.20 4.85 0.32
C CYS A 31 1.17 4.26 -1.10
N SER A 32 0.68 5.05 -2.05
CA SER A 32 0.59 4.61 -3.43
C SER A 32 1.81 5.07 -4.24
N MET A 33 2.44 6.14 -3.77
CA MET A 33 3.61 6.69 -4.44
C MET A 33 4.74 5.65 -4.47
N CYS A 34 4.88 4.92 -3.38
CA CYS A 34 5.93 3.90 -3.28
C CYS A 34 5.60 2.69 -4.15
N LYS A 35 4.31 2.51 -4.43
CA LYS A 35 3.86 1.40 -5.25
C LYS A 35 3.98 1.72 -6.73
N VAL A 36 3.59 2.94 -7.10
CA VAL A 36 3.66 3.37 -8.48
C VAL A 36 5.05 3.91 -8.82
N PHE A 37 5.74 4.41 -7.81
CA PHE A 37 7.08 4.96 -8.00
C PHE A 37 8.11 4.15 -7.20
N GLY A 38 7.89 4.05 -5.90
CA GLY A 38 8.80 3.31 -5.05
C GLY A 38 9.14 1.94 -5.61
N ILE A 39 9.97 1.20 -4.88
CA ILE A 39 10.36 -0.14 -5.31
C ILE A 39 9.20 -1.12 -5.19
N HIS A 40 8.08 -0.64 -4.65
CA HIS A 40 6.89 -1.49 -4.49
C HIS A 40 6.11 -1.57 -5.78
N LYS A 41 6.81 -1.60 -6.91
CA LYS A 41 6.18 -1.68 -8.21
C LYS A 41 5.81 -3.13 -8.55
N ALA A 42 6.64 -4.07 -8.12
CA ALA A 42 6.40 -5.48 -8.37
C ALA A 42 5.33 -6.03 -7.44
N CYS A 43 5.13 -5.35 -6.32
CA CYS A 43 4.13 -5.78 -5.34
C CYS A 43 2.72 -5.62 -5.90
N GLU A 44 1.72 -5.88 -5.06
CA GLU A 44 0.32 -5.77 -5.47
C GLU A 44 -0.53 -5.20 -4.35
N VAL A 45 -0.91 -3.94 -4.47
CA VAL A 45 -1.73 -3.28 -3.47
C VAL A 45 -3.22 -3.50 -3.75
N ALA A 46 -4.04 -3.36 -2.70
CA ALA A 46 -5.47 -3.54 -2.84
C ALA A 46 -6.24 -2.35 -2.24
N PRO A 47 -7.55 -2.30 -2.50
CA PRO A 47 -8.41 -1.24 -2.00
C PRO A 47 -8.61 -1.31 -0.49
N LEU A 48 -7.72 -0.66 0.26
CA LEU A 48 -7.79 -0.66 1.71
C LEU A 48 -9.24 -0.68 2.18
N GLN A 49 -10.10 0.03 1.46
CA GLN A 49 -11.52 0.09 1.80
C GLN A 49 -12.25 -1.15 1.31
N SER A 50 -12.57 -2.05 2.23
CA SER A 50 -13.27 -3.28 1.89
C SER A 50 -12.36 -4.23 1.11
N VAL A 51 -11.20 -4.52 1.69
CA VAL A 51 -10.24 -5.41 1.06
C VAL A 51 -10.80 -6.82 0.92
N PHE A 52 -11.36 -7.11 -0.26
CA PHE A 52 -11.94 -8.42 -0.52
C PHE A 52 -11.52 -8.93 -1.90
N GLN A 53 -11.95 -8.21 -2.94
CA GLN A 53 -11.62 -8.60 -4.31
C GLN A 53 -10.20 -8.19 -4.66
N GLY A 54 -9.37 -9.17 -5.02
CA GLY A 54 -8.00 -8.89 -5.37
C GLY A 54 -7.76 -8.91 -6.87
N GLN A 55 -8.51 -8.09 -7.59
CA GLN A 55 -8.39 -8.01 -9.04
C GLN A 55 -6.95 -8.23 -9.47
N LYS A 56 -6.76 -9.02 -10.52
CA LYS A 56 -5.42 -9.31 -11.04
C LYS A 56 -4.58 -8.04 -11.09
N THR A 57 -3.48 -8.03 -10.34
CA THR A 57 -2.58 -6.89 -10.30
C THR A 57 -1.25 -7.20 -10.98
N GLU A 58 -0.73 -8.39 -10.74
CA GLU A 58 0.53 -8.81 -11.33
C GLU A 58 0.31 -9.43 -12.71
N SER A 59 -0.38 -10.57 -12.74
CA SER A 59 -0.65 -11.27 -13.98
C SER A 59 -0.86 -10.27 -15.13
N GLY A 60 -1.56 -9.19 -14.84
CA GLY A 60 -1.82 -8.18 -15.85
C GLY A 60 -0.59 -7.84 -16.65
N PRO A 61 -0.70 -7.94 -17.98
CA PRO A 61 0.41 -7.63 -18.89
C PRO A 61 0.74 -6.14 -18.92
N SER A 62 -0.24 -5.32 -18.58
CA SER A 62 -0.04 -3.87 -18.58
C SER A 62 0.78 -3.42 -19.78
N SER A 63 0.51 -4.03 -20.94
CA SER A 63 1.23 -3.69 -22.16
C SER A 63 0.30 -3.03 -23.17
N GLY A 64 -0.75 -3.75 -23.56
CA GLY A 64 -1.70 -3.20 -24.53
C GLY A 64 -1.70 -3.99 -25.83
N GLY A 1 5.03 9.39 16.35
CA GLY A 1 3.84 9.46 17.17
C GLY A 1 4.16 9.78 18.63
N SER A 2 3.14 9.76 19.47
CA SER A 2 3.31 10.04 20.89
C SER A 2 2.46 9.12 21.74
N SER A 3 2.88 8.92 22.99
CA SER A 3 2.15 8.05 23.91
C SER A 3 0.70 8.52 24.08
N GLY A 4 -0.18 8.00 23.23
CA GLY A 4 -1.58 8.36 23.30
C GLY A 4 -2.35 7.96 22.06
N SER A 5 -2.26 8.77 21.01
CA SER A 5 -2.95 8.49 19.76
C SER A 5 -2.99 7.00 19.48
N SER A 6 -1.81 6.39 19.37
CA SER A 6 -1.69 4.97 19.09
C SER A 6 -2.56 4.57 17.90
N GLY A 7 -2.55 5.41 16.87
CA GLY A 7 -3.33 5.14 15.67
C GLY A 7 -2.54 4.40 14.62
N HIS A 8 -3.16 4.18 13.46
CA HIS A 8 -2.50 3.49 12.37
C HIS A 8 -1.17 4.14 12.02
N PRO A 9 -0.15 3.31 11.73
CA PRO A 9 1.19 3.80 11.39
C PRO A 9 1.22 4.46 10.02
N MET A 10 2.25 5.28 9.79
CA MET A 10 2.41 5.97 8.52
C MET A 10 3.35 5.21 7.59
N CYS A 11 3.51 5.71 6.37
CA CYS A 11 4.37 5.08 5.39
C CYS A 11 5.83 5.15 5.83
N LYS A 12 6.61 4.13 5.46
CA LYS A 12 8.02 4.08 5.80
C LYS A 12 8.82 5.11 5.02
N GLU A 13 8.60 5.16 3.71
CA GLU A 13 9.29 6.11 2.85
C GLU A 13 8.92 7.55 3.20
N HIS A 14 7.64 7.87 3.00
CA HIS A 14 7.15 9.22 3.30
C HIS A 14 7.38 9.57 4.76
N GLU A 15 6.95 10.77 5.15
CA GLU A 15 7.11 11.23 6.51
C GLU A 15 5.83 11.85 7.04
N ASP A 16 5.03 11.06 7.74
CA ASP A 16 3.76 11.53 8.29
C ASP A 16 2.75 11.81 7.18
N GLU A 17 2.61 10.85 6.26
CA GLU A 17 1.68 10.99 5.16
C GLU A 17 0.60 9.92 5.20
N LYS A 18 -0.58 10.28 5.68
CA LYS A 18 -1.69 9.34 5.78
C LYS A 18 -1.66 8.34 4.63
N ILE A 19 -1.79 7.06 4.97
CA ILE A 19 -1.79 6.00 3.97
C ILE A 19 -3.01 6.07 3.08
N ASN A 20 -2.87 5.63 1.83
CA ASN A 20 -3.97 5.64 0.88
C ASN A 20 -4.37 4.23 0.50
N ILE A 21 -3.38 3.40 0.21
CA ILE A 21 -3.63 2.00 -0.17
C ILE A 21 -2.87 1.05 0.74
N TYR A 22 -3.11 -0.25 0.55
CA TYR A 22 -2.46 -1.28 1.35
C TYR A 22 -1.76 -2.30 0.46
N CYS A 23 -0.52 -2.64 0.81
CA CYS A 23 0.26 -3.61 0.05
C CYS A 23 -0.04 -5.03 0.52
N LEU A 24 0.08 -5.99 -0.39
CA LEU A 24 -0.17 -7.38 -0.07
C LEU A 24 1.13 -8.17 0.02
N THR A 25 1.87 -8.20 -1.09
CA THR A 25 3.15 -8.90 -1.14
C THR A 25 3.87 -8.85 0.20
N CYS A 26 4.46 -7.69 0.50
CA CYS A 26 5.18 -7.51 1.75
C CYS A 26 4.21 -7.47 2.94
N GLU A 27 2.94 -7.17 2.65
CA GLU A 27 1.92 -7.10 3.69
C GLU A 27 2.13 -5.87 4.58
N VAL A 28 2.20 -4.71 3.95
CA VAL A 28 2.39 -3.46 4.69
C VAL A 28 1.62 -2.31 4.04
N PRO A 29 0.86 -1.57 4.87
CA PRO A 29 0.06 -0.44 4.40
C PRO A 29 0.92 0.74 3.96
N THR A 30 1.36 0.73 2.70
CA THR A 30 2.18 1.80 2.17
C THR A 30 1.42 2.64 1.16
N CYS A 31 1.74 3.93 1.10
CA CYS A 31 1.08 4.84 0.17
C CYS A 31 1.16 4.31 -1.26
N SER A 32 0.51 5.02 -2.17
CA SER A 32 0.50 4.63 -3.58
C SER A 32 1.72 5.19 -4.31
N MET A 33 2.10 6.41 -3.95
CA MET A 33 3.26 7.05 -4.57
C MET A 33 4.45 6.10 -4.63
N CYS A 34 4.64 5.34 -3.56
CA CYS A 34 5.74 4.39 -3.49
C CYS A 34 5.49 3.19 -4.40
N LYS A 35 4.23 2.77 -4.48
CA LYS A 35 3.86 1.64 -5.32
C LYS A 35 4.10 1.95 -6.80
N VAL A 36 3.55 3.07 -7.26
CA VAL A 36 3.70 3.47 -8.65
C VAL A 36 5.03 4.18 -8.87
N PHE A 37 5.47 4.92 -7.85
CA PHE A 37 6.74 5.65 -7.93
C PHE A 37 7.61 5.35 -6.71
N GLY A 38 7.96 4.09 -6.53
CA GLY A 38 8.79 3.69 -5.41
C GLY A 38 9.30 2.27 -5.53
N ILE A 39 9.94 1.78 -4.48
CA ILE A 39 10.49 0.43 -4.47
C ILE A 39 9.37 -0.61 -4.56
N HIS A 40 8.17 -0.22 -4.14
CA HIS A 40 7.02 -1.11 -4.17
C HIS A 40 6.53 -1.33 -5.60
N LYS A 41 7.35 -2.00 -6.40
CA LYS A 41 7.01 -2.27 -7.80
C LYS A 41 6.55 -3.72 -7.96
N ALA A 42 7.35 -4.65 -7.46
CA ALA A 42 7.01 -6.06 -7.56
C ALA A 42 6.04 -6.48 -6.46
N CYS A 43 5.15 -5.56 -6.09
CA CYS A 43 4.16 -5.84 -5.05
C CYS A 43 2.75 -5.72 -5.61
N GLU A 44 1.76 -5.95 -4.74
CA GLU A 44 0.36 -5.87 -5.15
C GLU A 44 -0.48 -5.16 -4.08
N VAL A 45 -0.84 -3.91 -4.37
CA VAL A 45 -1.64 -3.12 -3.44
C VAL A 45 -3.13 -3.27 -3.75
N ALA A 46 -3.95 -3.19 -2.69
CA ALA A 46 -5.39 -3.32 -2.84
C ALA A 46 -6.12 -2.30 -1.98
N PRO A 47 -7.39 -2.04 -2.31
CA PRO A 47 -8.22 -1.08 -1.58
C PRO A 47 -8.60 -1.58 -0.19
N LEU A 48 -7.94 -1.05 0.83
CA LEU A 48 -8.19 -1.45 2.21
C LEU A 48 -9.66 -1.80 2.41
N GLN A 49 -10.54 -0.88 2.03
CA GLN A 49 -11.98 -1.09 2.17
C GLN A 49 -12.35 -2.51 1.75
N SER A 50 -11.96 -2.89 0.53
CA SER A 50 -12.26 -4.22 0.01
C SER A 50 -10.98 -4.95 -0.38
N VAL A 51 -10.34 -5.57 0.61
CA VAL A 51 -9.11 -6.31 0.37
C VAL A 51 -9.37 -7.81 0.30
N PHE A 52 -10.14 -8.32 1.24
CA PHE A 52 -10.46 -9.75 1.28
C PHE A 52 -10.61 -10.31 -0.12
N GLN A 53 -11.39 -9.62 -0.96
CA GLN A 53 -11.60 -10.05 -2.33
C GLN A 53 -10.47 -9.57 -3.24
N GLY A 54 -10.11 -8.31 -3.10
CA GLY A 54 -9.04 -7.75 -3.91
C GLY A 54 -7.79 -8.60 -3.89
N GLN A 55 -7.37 -9.07 -5.07
CA GLN A 55 -6.17 -9.90 -5.18
C GLN A 55 -5.03 -9.14 -5.84
N LYS A 56 -5.35 -8.42 -6.91
CA LYS A 56 -4.36 -7.64 -7.63
C LYS A 56 -4.81 -6.19 -7.81
N THR A 57 -3.96 -5.38 -8.43
CA THR A 57 -4.28 -3.97 -8.66
C THR A 57 -4.52 -3.70 -10.15
N GLU A 58 -3.79 -4.42 -11.00
CA GLU A 58 -3.93 -4.26 -12.44
C GLU A 58 -4.55 -5.50 -13.08
N SER A 59 -5.72 -5.32 -13.68
CA SER A 59 -6.42 -6.42 -14.32
C SER A 59 -5.65 -6.93 -15.53
N GLY A 60 -4.89 -8.00 -15.32
CA GLY A 60 -4.10 -8.57 -16.40
C GLY A 60 -4.43 -10.03 -16.66
N PRO A 61 -4.74 -10.37 -17.92
CA PRO A 61 -5.08 -11.74 -18.31
C PRO A 61 -3.88 -12.68 -18.26
N SER A 62 -3.87 -13.55 -17.25
CA SER A 62 -2.77 -14.49 -17.08
C SER A 62 -3.11 -15.84 -17.73
N SER A 63 -3.70 -15.78 -18.92
CA SER A 63 -4.07 -16.98 -19.65
C SER A 63 -2.97 -18.04 -19.56
N GLY A 64 -3.32 -19.19 -19.00
CA GLY A 64 -2.35 -20.26 -18.86
C GLY A 64 -1.33 -20.00 -17.76
N GLY A 1 -2.15 18.48 26.94
CA GLY A 1 -0.98 17.82 26.37
C GLY A 1 -1.05 17.74 24.86
N SER A 2 -0.08 17.04 24.27
CA SER A 2 -0.03 16.89 22.83
C SER A 2 0.02 15.41 22.44
N SER A 3 -0.90 15.00 21.58
CA SER A 3 -0.97 13.61 21.13
C SER A 3 -1.83 13.48 19.87
N GLY A 4 -1.20 13.09 18.77
CA GLY A 4 -1.92 12.94 17.52
C GLY A 4 -1.65 11.60 16.85
N SER A 5 -2.53 11.21 15.95
CA SER A 5 -2.38 9.94 15.23
C SER A 5 -2.55 8.77 16.20
N SER A 6 -3.61 8.79 16.98
CA SER A 6 -3.89 7.74 17.95
C SER A 6 -4.52 6.53 17.26
N GLY A 7 -3.94 6.13 16.12
CA GLY A 7 -4.46 4.99 15.39
C GLY A 7 -3.40 4.33 14.53
N HIS A 8 -3.61 4.34 13.22
CA HIS A 8 -2.66 3.73 12.29
C HIS A 8 -1.54 4.71 11.94
N PRO A 9 -0.32 4.18 11.82
CA PRO A 9 0.87 4.99 11.48
C PRO A 9 0.83 5.49 10.04
N MET A 10 1.86 6.25 9.66
CA MET A 10 1.95 6.79 8.31
C MET A 10 3.28 6.43 7.67
N CYS A 11 3.28 6.26 6.35
CA CYS A 11 4.48 5.91 5.61
C CYS A 11 5.66 6.76 6.08
N LYS A 12 6.60 6.14 6.78
CA LYS A 12 7.78 6.83 7.28
C LYS A 12 8.55 7.48 6.15
N GLU A 13 8.55 6.82 4.99
CA GLU A 13 9.25 7.34 3.81
C GLU A 13 8.69 8.70 3.39
N HIS A 14 7.36 8.79 3.36
CA HIS A 14 6.70 10.04 2.98
C HIS A 14 6.08 10.72 4.20
N GLU A 15 6.73 11.79 4.66
CA GLU A 15 6.24 12.53 5.81
C GLU A 15 4.87 13.14 5.54
N ASP A 16 4.65 13.54 4.30
CA ASP A 16 3.37 14.14 3.90
C ASP A 16 2.37 13.06 3.50
N GLU A 17 2.61 12.43 2.35
CA GLU A 17 1.72 11.38 1.85
C GLU A 17 1.54 10.29 2.91
N LYS A 18 0.29 10.06 3.30
CA LYS A 18 -0.04 9.05 4.30
C LYS A 18 -0.42 7.73 3.62
N ILE A 19 -0.69 6.72 4.44
CA ILE A 19 -1.08 5.41 3.93
C ILE A 19 -2.42 5.48 3.21
N ASN A 20 -2.40 5.36 1.90
CA ASN A 20 -3.62 5.40 1.10
C ASN A 20 -4.07 3.99 0.73
N ILE A 21 -3.12 3.13 0.44
CA ILE A 21 -3.42 1.74 0.07
C ILE A 21 -2.61 0.76 0.91
N TYR A 22 -2.91 -0.53 0.77
CA TYR A 22 -2.22 -1.56 1.51
C TYR A 22 -1.60 -2.59 0.56
N CYS A 23 -0.34 -2.92 0.81
CA CYS A 23 0.38 -3.88 -0.02
C CYS A 23 0.05 -5.31 0.41
N LEU A 24 -0.01 -6.22 -0.56
CA LEU A 24 -0.30 -7.63 -0.28
C LEU A 24 0.96 -8.47 -0.33
N THR A 25 1.58 -8.53 -1.50
CA THR A 25 2.80 -9.30 -1.68
C THR A 25 3.61 -9.36 -0.39
N CYS A 26 4.18 -8.23 0.00
CA CYS A 26 4.99 -8.16 1.21
C CYS A 26 4.09 -8.10 2.45
N GLU A 27 2.83 -7.73 2.24
CA GLU A 27 1.88 -7.64 3.35
C GLU A 27 2.25 -6.50 4.28
N VAL A 28 2.39 -5.31 3.73
CA VAL A 28 2.74 -4.13 4.52
C VAL A 28 1.93 -2.91 4.08
N PRO A 29 1.27 -2.27 5.04
CA PRO A 29 0.45 -1.07 4.78
C PRO A 29 1.30 0.14 4.41
N THR A 30 1.56 0.30 3.11
CA THR A 30 2.37 1.42 2.62
C THR A 30 1.54 2.34 1.74
N CYS A 31 1.93 3.61 1.69
CA CYS A 31 1.23 4.60 0.88
C CYS A 31 1.02 4.09 -0.54
N SER A 32 0.45 4.94 -1.39
CA SER A 32 0.18 4.58 -2.78
C SER A 32 1.32 5.02 -3.68
N MET A 33 2.12 5.97 -3.20
CA MET A 33 3.25 6.48 -3.96
C MET A 33 4.33 5.41 -4.12
N CYS A 34 4.98 5.06 -3.01
CA CYS A 34 6.03 4.06 -3.04
C CYS A 34 5.67 2.90 -3.98
N LYS A 35 4.37 2.71 -4.19
CA LYS A 35 3.89 1.65 -5.06
C LYS A 35 4.09 2.02 -6.53
N VAL A 36 3.47 3.10 -6.96
CA VAL A 36 3.59 3.56 -8.34
C VAL A 36 4.95 4.17 -8.59
N PHE A 37 5.43 4.97 -7.64
CA PHE A 37 6.73 5.62 -7.77
C PHE A 37 7.61 5.31 -6.56
N GLY A 38 8.04 4.06 -6.45
CA GLY A 38 8.88 3.67 -5.33
C GLY A 38 9.62 2.36 -5.60
N ILE A 39 9.48 1.42 -4.68
CA ILE A 39 10.13 0.12 -4.81
C ILE A 39 9.14 -1.02 -4.62
N HIS A 40 7.87 -0.69 -4.53
CA HIS A 40 6.82 -1.68 -4.34
C HIS A 40 6.10 -1.97 -5.66
N LYS A 41 6.84 -1.90 -6.76
CA LYS A 41 6.28 -2.15 -8.08
C LYS A 41 6.01 -3.64 -8.28
N ALA A 42 6.90 -4.47 -7.76
CA ALA A 42 6.76 -5.92 -7.88
C ALA A 42 5.81 -6.47 -6.81
N CYS A 43 4.81 -5.67 -6.45
CA CYS A 43 3.85 -6.07 -5.43
C CYS A 43 2.42 -5.92 -5.96
N GLU A 44 1.45 -6.23 -5.10
CA GLU A 44 0.05 -6.12 -5.47
C GLU A 44 -0.75 -5.37 -4.41
N VAL A 45 -1.06 -4.11 -4.69
CA VAL A 45 -1.82 -3.27 -3.77
C VAL A 45 -3.31 -3.43 -3.98
N ALA A 46 -4.08 -3.28 -2.90
CA ALA A 46 -5.53 -3.40 -2.98
C ALA A 46 -6.21 -2.19 -2.35
N PRO A 47 -7.53 -2.08 -2.57
CA PRO A 47 -8.33 -0.97 -2.03
C PRO A 47 -8.48 -1.05 -0.51
N LEU A 48 -7.55 -0.44 0.21
CA LEU A 48 -7.58 -0.44 1.66
C LEU A 48 -9.01 -0.28 2.17
N GLN A 49 -9.79 0.52 1.47
CA GLN A 49 -11.19 0.77 1.86
C GLN A 49 -11.94 -0.55 2.00
N SER A 50 -12.21 -0.95 3.24
CA SER A 50 -12.93 -2.20 3.51
C SER A 50 -12.46 -3.30 2.57
N VAL A 51 -11.15 -3.49 2.48
CA VAL A 51 -10.58 -4.51 1.62
C VAL A 51 -11.42 -5.78 1.64
N PHE A 52 -12.27 -5.94 0.63
CA PHE A 52 -13.13 -7.11 0.54
C PHE A 52 -12.32 -8.35 0.19
N GLN A 53 -11.74 -8.36 -1.00
CA GLN A 53 -10.94 -9.49 -1.46
C GLN A 53 -9.56 -9.04 -1.94
N GLY A 54 -9.55 -8.06 -2.83
CA GLY A 54 -8.30 -7.54 -3.36
C GLY A 54 -8.25 -7.56 -4.87
N GLN A 55 -9.11 -6.75 -5.49
CA GLN A 55 -9.15 -6.67 -6.94
C GLN A 55 -7.81 -6.25 -7.52
N LYS A 56 -7.51 -6.73 -8.72
CA LYS A 56 -6.25 -6.40 -9.38
C LYS A 56 -6.26 -4.96 -9.89
N THR A 57 -5.12 -4.50 -10.38
CA THR A 57 -5.00 -3.15 -10.90
C THR A 57 -4.72 -3.16 -12.41
N GLU A 58 -3.99 -4.17 -12.86
CA GLU A 58 -3.65 -4.29 -14.28
C GLU A 58 -3.62 -5.76 -14.70
N SER A 59 -3.56 -5.98 -16.00
CA SER A 59 -3.53 -7.34 -16.54
C SER A 59 -2.17 -8.00 -16.29
N GLY A 60 -1.11 -7.24 -16.53
CA GLY A 60 0.23 -7.76 -16.33
C GLY A 60 0.72 -8.59 -17.50
N PRO A 61 1.87 -9.25 -17.33
CA PRO A 61 2.47 -10.09 -18.38
C PRO A 61 1.66 -11.36 -18.64
N SER A 62 0.87 -11.35 -19.71
CA SER A 62 0.05 -12.49 -20.06
C SER A 62 0.79 -13.80 -19.82
N SER A 63 1.92 -13.97 -20.51
CA SER A 63 2.74 -15.17 -20.38
C SER A 63 3.99 -14.89 -19.55
N GLY A 64 3.80 -14.17 -18.44
CA GLY A 64 4.92 -13.85 -17.58
C GLY A 64 5.34 -15.01 -16.70
N GLY A 1 8.21 7.53 32.24
CA GLY A 1 7.11 7.21 31.35
C GLY A 1 7.56 6.47 30.11
N SER A 2 6.66 6.32 29.16
CA SER A 2 6.97 5.63 27.91
C SER A 2 6.18 6.21 26.74
N SER A 3 6.73 6.09 25.54
CA SER A 3 6.07 6.61 24.35
C SER A 3 4.99 5.65 23.85
N GLY A 4 3.90 6.21 23.37
CA GLY A 4 2.80 5.39 22.87
C GLY A 4 2.65 5.48 21.37
N SER A 5 2.02 4.48 20.78
CA SER A 5 1.82 4.43 19.33
C SER A 5 0.36 4.10 19.00
N SER A 6 -0.57 4.69 19.73
CA SER A 6 -1.99 4.45 19.51
C SER A 6 -2.46 5.10 18.22
N GLY A 7 -2.66 4.28 17.19
CA GLY A 7 -3.10 4.80 15.91
C GLY A 7 -2.47 4.08 14.74
N HIS A 8 -3.12 4.14 13.58
CA HIS A 8 -2.60 3.50 12.39
C HIS A 8 -1.21 4.01 12.04
N PRO A 9 -0.34 3.11 11.56
CA PRO A 9 1.03 3.45 11.18
C PRO A 9 1.09 4.32 9.93
N MET A 10 2.17 5.09 9.80
CA MET A 10 2.35 5.97 8.65
C MET A 10 3.43 5.43 7.72
N CYS A 11 3.33 5.78 6.44
CA CYS A 11 4.30 5.33 5.45
C CYS A 11 5.69 5.87 5.76
N LYS A 12 6.59 4.98 6.18
CA LYS A 12 7.96 5.38 6.51
C LYS A 12 8.60 6.14 5.36
N GLU A 13 8.55 5.56 4.17
CA GLU A 13 9.12 6.20 2.98
C GLU A 13 8.79 7.69 2.95
N HIS A 14 7.53 8.01 3.20
CA HIS A 14 7.07 9.40 3.20
C HIS A 14 7.30 10.05 4.56
N GLU A 15 7.08 11.35 4.63
CA GLU A 15 7.26 12.09 5.89
C GLU A 15 5.96 12.17 6.67
N ASP A 16 5.56 11.06 7.28
CA ASP A 16 4.33 11.00 8.06
C ASP A 16 3.12 11.25 7.17
N GLU A 17 3.07 10.59 6.01
CA GLU A 17 1.97 10.74 5.08
C GLU A 17 0.90 9.69 5.33
N LYS A 18 -0.32 10.14 5.59
CA LYS A 18 -1.44 9.24 5.84
C LYS A 18 -1.48 8.13 4.81
N ILE A 19 -1.62 6.89 5.28
CA ILE A 19 -1.68 5.74 4.38
C ILE A 19 -2.88 5.82 3.46
N ASN A 20 -2.66 5.54 2.18
CA ASN A 20 -3.72 5.58 1.19
C ASN A 20 -4.17 4.16 0.81
N ILE A 21 -3.20 3.32 0.49
CA ILE A 21 -3.49 1.94 0.11
C ILE A 21 -2.70 0.96 0.97
N TYR A 22 -2.98 -0.34 0.78
CA TYR A 22 -2.29 -1.37 1.54
C TYR A 22 -1.62 -2.37 0.61
N CYS A 23 -0.40 -2.78 0.97
CA CYS A 23 0.36 -3.72 0.16
C CYS A 23 0.10 -5.16 0.63
N LEU A 24 0.12 -6.10 -0.31
CA LEU A 24 -0.11 -7.50 0.00
C LEU A 24 1.20 -8.29 0.01
N THR A 25 1.87 -8.31 -1.13
CA THR A 25 3.14 -9.02 -1.25
C THR A 25 3.93 -8.97 0.05
N CYS A 26 4.43 -7.79 0.38
CA CYS A 26 5.20 -7.60 1.62
C CYS A 26 4.28 -7.53 2.83
N GLU A 27 3.00 -7.28 2.58
CA GLU A 27 2.02 -7.18 3.65
C GLU A 27 2.28 -5.96 4.53
N VAL A 28 2.38 -4.79 3.90
CA VAL A 28 2.64 -3.56 4.61
C VAL A 28 1.77 -2.42 4.08
N PRO A 29 1.05 -1.75 4.98
CA PRO A 29 0.16 -0.64 4.62
C PRO A 29 0.94 0.60 4.19
N THR A 30 1.28 0.66 2.92
CA THR A 30 2.03 1.79 2.37
C THR A 30 1.20 2.55 1.34
N CYS A 31 1.56 3.81 1.12
CA CYS A 31 0.85 4.65 0.16
C CYS A 31 0.95 4.06 -1.25
N SER A 32 0.39 4.78 -2.22
CA SER A 32 0.42 4.33 -3.61
C SER A 32 1.61 4.91 -4.35
N MET A 33 2.02 6.11 -3.96
CA MET A 33 3.15 6.78 -4.59
C MET A 33 4.40 5.89 -4.53
N CYS A 34 4.51 5.11 -3.47
CA CYS A 34 5.64 4.22 -3.29
C CYS A 34 5.51 2.98 -4.17
N LYS A 35 4.27 2.65 -4.53
CA LYS A 35 4.00 1.49 -5.37
C LYS A 35 4.15 1.85 -6.85
N VAL A 36 3.68 3.04 -7.21
CA VAL A 36 3.75 3.50 -8.60
C VAL A 36 5.00 4.34 -8.82
N PHE A 37 5.49 4.96 -7.75
CA PHE A 37 6.69 5.80 -7.83
C PHE A 37 7.68 5.42 -6.74
N GLY A 38 7.86 4.12 -6.52
CA GLY A 38 8.79 3.67 -5.51
C GLY A 38 9.34 2.28 -5.81
N ILE A 39 9.89 1.63 -4.79
CA ILE A 39 10.43 0.29 -4.94
C ILE A 39 9.34 -0.78 -4.88
N HIS A 40 8.18 -0.38 -4.38
CA HIS A 40 7.06 -1.30 -4.27
C HIS A 40 6.41 -1.54 -5.62
N LYS A 41 7.22 -1.96 -6.59
CA LYS A 41 6.73 -2.24 -7.94
C LYS A 41 6.35 -3.70 -8.10
N ALA A 42 7.17 -4.58 -7.56
CA ALA A 42 6.92 -6.02 -7.63
C ALA A 42 5.96 -6.46 -6.53
N CYS A 43 5.03 -5.59 -6.16
CA CYS A 43 4.06 -5.89 -5.12
C CYS A 43 2.63 -5.77 -5.66
N GLU A 44 1.66 -6.15 -4.82
CA GLU A 44 0.26 -6.10 -5.22
C GLU A 44 -0.57 -5.38 -4.15
N VAL A 45 -0.96 -4.15 -4.46
CA VAL A 45 -1.76 -3.34 -3.53
C VAL A 45 -3.25 -3.54 -3.79
N ALA A 46 -4.05 -3.37 -2.74
CA ALA A 46 -5.50 -3.51 -2.86
C ALA A 46 -6.22 -2.26 -2.36
N PRO A 47 -7.51 -2.17 -2.67
CA PRO A 47 -8.34 -1.03 -2.26
C PRO A 47 -8.59 -1.01 -0.75
N LEU A 48 -7.68 -0.39 -0.02
CA LEU A 48 -7.81 -0.29 1.44
C LEU A 48 -9.27 -0.17 1.86
N GLN A 49 -10.00 0.70 1.16
CA GLN A 49 -11.41 0.92 1.46
C GLN A 49 -12.20 -0.38 1.32
N SER A 50 -12.41 -1.07 2.44
CA SER A 50 -13.14 -2.33 2.44
C SER A 50 -12.41 -3.39 1.61
N VAL A 51 -11.14 -3.62 1.94
CA VAL A 51 -10.34 -4.60 1.22
C VAL A 51 -11.05 -5.96 1.17
N PHE A 52 -11.74 -6.22 0.08
CA PHE A 52 -12.46 -7.48 -0.09
C PHE A 52 -12.20 -8.06 -1.48
N GLN A 53 -12.64 -7.35 -2.52
CA GLN A 53 -12.45 -7.81 -3.88
C GLN A 53 -11.85 -6.70 -4.75
N GLY A 54 -11.09 -7.11 -5.77
CA GLY A 54 -10.47 -6.14 -6.65
C GLY A 54 -9.58 -6.80 -7.69
N GLN A 55 -9.30 -6.07 -8.77
CA GLN A 55 -8.45 -6.59 -9.84
C GLN A 55 -7.00 -6.17 -9.64
N LYS A 56 -6.08 -6.95 -10.20
CA LYS A 56 -4.66 -6.67 -10.08
C LYS A 56 -4.33 -5.31 -10.70
N THR A 57 -3.56 -4.50 -9.95
CA THR A 57 -3.18 -3.18 -10.43
C THR A 57 -1.90 -3.24 -11.26
N GLU A 58 -2.07 -3.24 -12.58
CA GLU A 58 -0.93 -3.30 -13.49
C GLU A 58 -0.76 -1.98 -14.23
N SER A 59 0.12 -1.13 -13.71
CA SER A 59 0.38 0.17 -14.32
C SER A 59 0.84 0.02 -15.77
N GLY A 60 1.75 -0.92 -15.99
CA GLY A 60 2.27 -1.16 -17.32
C GLY A 60 3.10 -2.42 -17.41
N PRO A 61 3.75 -2.62 -18.58
CA PRO A 61 4.60 -3.80 -18.81
C PRO A 61 5.88 -3.76 -17.98
N SER A 62 5.92 -2.85 -17.01
CA SER A 62 7.10 -2.72 -16.15
C SER A 62 7.46 -4.04 -15.51
N SER A 63 6.48 -4.68 -14.88
CA SER A 63 6.70 -5.96 -14.21
C SER A 63 7.29 -6.98 -15.18
N GLY A 64 8.44 -7.54 -14.81
CA GLY A 64 9.09 -8.53 -15.65
C GLY A 64 10.00 -9.45 -14.86
N GLY A 1 6.91 0.09 26.81
CA GLY A 1 6.07 -0.13 25.65
C GLY A 1 5.63 1.17 24.99
N SER A 2 5.28 1.10 23.72
CA SER A 2 4.84 2.28 22.97
C SER A 2 3.36 2.18 22.63
N SER A 3 2.98 1.11 21.93
CA SER A 3 1.59 0.92 21.53
C SER A 3 0.66 1.18 22.70
N GLY A 4 -0.44 1.89 22.42
CA GLY A 4 -1.40 2.21 23.45
C GLY A 4 -2.84 2.10 22.96
N SER A 5 -3.51 3.25 22.87
CA SER A 5 -4.90 3.29 22.42
C SER A 5 -4.98 3.84 21.00
N SER A 6 -4.30 4.96 20.77
CA SER A 6 -4.32 5.60 19.46
C SER A 6 -3.01 5.34 18.72
N GLY A 7 -3.07 5.37 17.39
CA GLY A 7 -1.89 5.13 16.59
C GLY A 7 -2.22 4.66 15.18
N HIS A 8 -2.40 5.61 14.27
CA HIS A 8 -2.73 5.28 12.88
C HIS A 8 -1.47 4.96 12.09
N PRO A 9 -1.57 3.97 11.18
CA PRO A 9 -0.45 3.57 10.34
C PRO A 9 -0.08 4.61 9.29
N MET A 10 1.20 4.93 9.19
CA MET A 10 1.67 5.92 8.24
C MET A 10 2.96 5.44 7.55
N CYS A 11 3.15 5.86 6.30
CA CYS A 11 4.33 5.48 5.54
C CYS A 11 5.59 6.09 6.16
N LYS A 12 6.72 5.41 5.97
CA LYS A 12 7.99 5.88 6.51
C LYS A 12 8.76 6.67 5.47
N GLU A 13 8.87 6.12 4.26
CA GLU A 13 9.58 6.79 3.17
C GLU A 13 9.14 8.24 3.05
N HIS A 14 7.82 8.47 3.13
CA HIS A 14 7.27 9.81 3.02
C HIS A 14 7.45 10.58 4.32
N GLU A 15 7.08 11.85 4.32
CA GLU A 15 7.20 12.69 5.51
C GLU A 15 5.88 12.74 6.27
N ASP A 16 5.47 11.61 6.84
CA ASP A 16 4.23 11.53 7.60
C ASP A 16 3.03 11.57 6.67
N GLU A 17 3.00 10.67 5.70
CA GLU A 17 1.90 10.61 4.74
C GLU A 17 1.00 9.42 5.02
N LYS A 18 -0.29 9.68 5.23
CA LYS A 18 -1.25 8.64 5.51
C LYS A 18 -1.15 7.51 4.48
N ILE A 19 -1.62 6.32 4.86
CA ILE A 19 -1.59 5.17 3.96
C ILE A 19 -2.87 5.06 3.15
N ASN A 20 -2.79 5.45 1.88
CA ASN A 20 -3.96 5.39 1.00
C ASN A 20 -4.34 3.94 0.70
N ILE A 21 -3.40 3.20 0.13
CA ILE A 21 -3.64 1.80 -0.20
C ILE A 21 -2.79 0.87 0.66
N TYR A 22 -3.11 -0.42 0.63
CA TYR A 22 -2.39 -1.40 1.41
C TYR A 22 -1.71 -2.43 0.50
N CYS A 23 -0.46 -2.76 0.82
CA CYS A 23 0.29 -3.73 0.02
C CYS A 23 0.03 -5.15 0.51
N LEU A 24 -0.14 -6.07 -0.43
CA LEU A 24 -0.40 -7.47 -0.11
C LEU A 24 0.90 -8.28 -0.11
N THR A 25 1.60 -8.23 -1.24
CA THR A 25 2.86 -8.97 -1.38
C THR A 25 3.64 -8.97 -0.07
N CYS A 26 4.10 -7.79 0.34
CA CYS A 26 4.86 -7.65 1.57
C CYS A 26 3.93 -7.47 2.77
N GLU A 27 2.62 -7.50 2.51
CA GLU A 27 1.63 -7.34 3.57
C GLU A 27 2.00 -6.17 4.48
N VAL A 28 2.19 -5.00 3.90
CA VAL A 28 2.54 -3.81 4.66
C VAL A 28 1.79 -2.59 4.15
N PRO A 29 1.11 -1.88 5.07
CA PRO A 29 0.34 -0.68 4.73
C PRO A 29 1.23 0.50 4.35
N THR A 30 1.38 0.71 3.04
CA THR A 30 2.20 1.81 2.54
C THR A 30 1.43 2.67 1.55
N CYS A 31 1.90 3.89 1.35
CA CYS A 31 1.26 4.82 0.42
C CYS A 31 1.24 4.25 -0.99
N SER A 32 0.78 5.06 -1.95
CA SER A 32 0.70 4.63 -3.34
C SER A 32 1.92 5.11 -4.11
N MET A 33 2.36 6.33 -3.83
CA MET A 33 3.52 6.91 -4.51
C MET A 33 4.70 5.94 -4.48
N CYS A 34 4.78 5.14 -3.42
CA CYS A 34 5.86 4.18 -3.27
C CYS A 34 5.60 2.93 -4.12
N LYS A 35 4.33 2.69 -4.41
CA LYS A 35 3.93 1.54 -5.22
C LYS A 35 4.02 1.86 -6.71
N VAL A 36 3.54 3.04 -7.08
CA VAL A 36 3.56 3.46 -8.48
C VAL A 36 4.90 4.09 -8.84
N PHE A 37 5.50 4.77 -7.87
CA PHE A 37 6.80 5.43 -8.08
C PHE A 37 7.75 5.15 -6.93
N GLY A 38 7.85 3.86 -6.56
CA GLY A 38 8.74 3.48 -5.47
C GLY A 38 9.24 2.05 -5.61
N ILE A 39 10.09 1.64 -4.69
CA ILE A 39 10.65 0.29 -4.71
C ILE A 39 9.55 -0.76 -4.72
N HIS A 40 8.33 -0.35 -4.37
CA HIS A 40 7.19 -1.25 -4.35
C HIS A 40 6.59 -1.42 -5.75
N LYS A 41 7.37 -2.03 -6.64
CA LYS A 41 6.92 -2.25 -8.00
C LYS A 41 6.46 -3.69 -8.21
N ALA A 42 7.24 -4.63 -7.67
CA ALA A 42 6.91 -6.04 -7.78
C ALA A 42 5.91 -6.46 -6.72
N CYS A 43 5.05 -5.52 -6.31
CA CYS A 43 4.05 -5.79 -5.29
C CYS A 43 2.65 -5.59 -5.84
N GLU A 44 1.64 -5.71 -4.98
CA GLU A 44 0.26 -5.53 -5.38
C GLU A 44 -0.57 -4.95 -4.25
N VAL A 45 -1.00 -3.70 -4.41
CA VAL A 45 -1.80 -3.02 -3.40
C VAL A 45 -3.29 -3.30 -3.60
N ALA A 46 -4.05 -3.18 -2.53
CA ALA A 46 -5.49 -3.41 -2.58
C ALA A 46 -6.27 -2.26 -1.94
N PRO A 47 -7.58 -2.19 -2.22
CA PRO A 47 -8.44 -1.14 -1.67
C PRO A 47 -8.67 -1.30 -0.18
N LEU A 48 -7.73 -0.81 0.61
CA LEU A 48 -7.82 -0.91 2.07
C LEU A 48 -9.27 -0.80 2.52
N GLN A 49 -10.02 0.13 1.92
CA GLN A 49 -11.42 0.32 2.27
C GLN A 49 -12.25 -0.87 1.84
N SER A 50 -12.46 -1.81 2.75
CA SER A 50 -13.24 -3.01 2.46
C SER A 50 -12.45 -3.97 1.59
N VAL A 51 -11.24 -4.32 2.04
CA VAL A 51 -10.38 -5.24 1.30
C VAL A 51 -11.06 -6.59 1.11
N PHE A 52 -11.62 -6.80 -0.08
CA PHE A 52 -12.31 -8.05 -0.38
C PHE A 52 -11.78 -8.65 -1.69
N GLN A 53 -11.89 -7.89 -2.77
CA GLN A 53 -11.42 -8.34 -4.08
C GLN A 53 -9.96 -7.98 -4.30
N GLY A 54 -9.15 -8.97 -4.64
CA GLY A 54 -7.74 -8.73 -4.87
C GLY A 54 -7.46 -8.20 -6.27
N GLN A 55 -8.04 -7.05 -6.59
CA GLN A 55 -7.85 -6.44 -7.90
C GLN A 55 -6.39 -6.00 -8.09
N LYS A 56 -5.79 -6.47 -9.18
CA LYS A 56 -4.40 -6.12 -9.47
C LYS A 56 -4.32 -4.80 -10.23
N THR A 57 -3.25 -4.05 -9.99
CA THR A 57 -3.06 -2.76 -10.65
C THR A 57 -1.84 -2.80 -11.58
N GLU A 58 -0.99 -3.81 -11.39
CA GLU A 58 0.21 -3.95 -12.22
C GLU A 58 0.20 -5.29 -12.95
N SER A 59 0.40 -5.25 -14.25
CA SER A 59 0.42 -6.46 -15.08
C SER A 59 1.65 -7.31 -14.76
N GLY A 60 1.54 -8.61 -15.02
CA GLY A 60 2.65 -9.51 -14.76
C GLY A 60 2.60 -10.76 -15.62
N PRO A 61 3.47 -11.74 -15.32
CA PRO A 61 3.55 -12.99 -16.06
C PRO A 61 2.32 -13.88 -15.82
N SER A 62 1.51 -13.50 -14.84
CA SER A 62 0.32 -14.27 -14.49
C SER A 62 0.69 -15.66 -14.01
N SER A 63 1.73 -15.74 -13.20
CA SER A 63 2.19 -17.02 -12.66
C SER A 63 1.02 -17.84 -12.15
N GLY A 64 0.97 -19.12 -12.54
CA GLY A 64 -0.09 -19.99 -12.10
C GLY A 64 -0.08 -21.33 -12.83
N GLY A 1 -13.46 14.15 14.07
CA GLY A 1 -12.90 14.86 15.21
C GLY A 1 -12.19 16.14 14.80
N SER A 2 -12.52 17.24 15.46
CA SER A 2 -11.91 18.53 15.15
C SER A 2 -10.58 18.68 15.88
N SER A 3 -9.55 19.09 15.15
CA SER A 3 -8.22 19.27 15.72
C SER A 3 -7.91 18.18 16.72
N GLY A 4 -8.25 16.94 16.36
CA GLY A 4 -8.00 15.81 17.25
C GLY A 4 -6.97 14.86 16.68
N SER A 5 -5.72 14.99 17.14
CA SER A 5 -4.64 14.13 16.66
C SER A 5 -4.47 12.92 17.57
N SER A 6 -5.04 11.79 17.14
CA SER A 6 -4.96 10.56 17.91
C SER A 6 -3.62 9.86 17.69
N GLY A 7 -3.29 9.64 16.43
CA GLY A 7 -2.03 8.99 16.09
C GLY A 7 -2.19 7.93 15.02
N HIS A 8 -2.76 8.33 13.89
CA HIS A 8 -2.98 7.41 12.78
C HIS A 8 -1.65 6.94 12.20
N PRO A 9 -1.68 5.81 11.47
CA PRO A 9 -0.49 5.23 10.86
C PRO A 9 0.04 6.07 9.70
N MET A 10 1.35 6.03 9.50
CA MET A 10 1.98 6.80 8.42
C MET A 10 2.95 5.92 7.64
N CYS A 11 3.18 6.27 6.38
CA CYS A 11 4.08 5.52 5.52
C CYS A 11 5.53 5.77 5.92
N LYS A 12 6.17 4.73 6.46
CA LYS A 12 7.57 4.82 6.88
C LYS A 12 8.36 5.70 5.93
N GLU A 13 8.25 5.40 4.63
CA GLU A 13 8.97 6.16 3.61
C GLU A 13 8.51 7.62 3.58
N HIS A 14 7.21 7.81 3.34
CA HIS A 14 6.64 9.16 3.29
C HIS A 14 6.23 9.63 4.68
N GLU A 15 7.16 10.28 5.37
CA GLU A 15 6.89 10.79 6.72
C GLU A 15 5.57 11.54 6.77
N ASP A 16 5.36 12.41 5.79
CA ASP A 16 4.13 13.20 5.72
C ASP A 16 3.23 12.70 4.59
N GLU A 17 2.46 11.66 4.87
CA GLU A 17 1.55 11.09 3.87
C GLU A 17 0.69 9.99 4.49
N LYS A 18 -0.61 10.25 4.56
CA LYS A 18 -1.55 9.29 5.11
C LYS A 18 -1.70 8.07 4.21
N ILE A 19 -1.41 6.90 4.75
CA ILE A 19 -1.51 5.66 3.99
C ILE A 19 -2.66 5.72 2.99
N ASN A 20 -2.33 5.71 1.71
CA ASN A 20 -3.33 5.76 0.65
C ASN A 20 -3.80 4.36 0.28
N ILE A 21 -2.85 3.44 0.18
CA ILE A 21 -3.17 2.06 -0.18
C ILE A 21 -2.42 1.08 0.72
N TYR A 22 -2.72 -0.21 0.56
CA TYR A 22 -2.08 -1.24 1.36
C TYR A 22 -1.45 -2.30 0.46
N CYS A 23 -0.21 -2.66 0.77
CA CYS A 23 0.51 -3.67 -0.02
C CYS A 23 0.13 -5.08 0.43
N LEU A 24 0.23 -6.03 -0.48
CA LEU A 24 -0.10 -7.42 -0.18
C LEU A 24 1.15 -8.29 -0.16
N THR A 25 1.86 -8.31 -1.28
CA THR A 25 3.09 -9.09 -1.39
C THR A 25 3.87 -9.09 -0.09
N CYS A 26 4.53 -7.97 0.19
CA CYS A 26 5.32 -7.84 1.42
C CYS A 26 4.42 -7.76 2.64
N GLU A 27 3.15 -7.44 2.42
CA GLU A 27 2.18 -7.33 3.50
C GLU A 27 2.48 -6.11 4.38
N VAL A 28 2.59 -4.94 3.76
CA VAL A 28 2.87 -3.71 4.48
C VAL A 28 2.07 -2.55 3.93
N PRO A 29 1.39 -1.81 4.82
CA PRO A 29 0.57 -0.66 4.45
C PRO A 29 1.41 0.52 3.97
N THR A 30 1.52 0.67 2.65
CA THR A 30 2.29 1.76 2.06
C THR A 30 1.44 2.61 1.13
N CYS A 31 1.78 3.88 1.01
CA CYS A 31 1.05 4.80 0.14
C CYS A 31 1.25 4.44 -1.32
N SER A 32 0.43 5.03 -2.19
CA SER A 32 0.51 4.77 -3.62
C SER A 32 1.84 5.25 -4.19
N MET A 33 2.23 6.47 -3.83
CA MET A 33 3.48 7.05 -4.30
C MET A 33 4.58 5.99 -4.35
N CYS A 34 4.57 5.09 -3.37
CA CYS A 34 5.57 4.03 -3.29
C CYS A 34 5.30 2.95 -4.34
N LYS A 35 4.03 2.53 -4.43
CA LYS A 35 3.64 1.51 -5.38
C LYS A 35 3.86 1.98 -6.82
N VAL A 36 3.33 3.16 -7.14
CA VAL A 36 3.48 3.72 -8.47
C VAL A 36 4.85 4.36 -8.65
N PHE A 37 5.36 4.96 -7.58
CA PHE A 37 6.65 5.61 -7.61
C PHE A 37 7.51 5.19 -6.42
N GLY A 38 7.85 3.90 -6.36
CA GLY A 38 8.65 3.39 -5.27
C GLY A 38 9.16 1.98 -5.53
N ILE A 39 9.94 1.46 -4.60
CA ILE A 39 10.48 0.11 -4.73
C ILE A 39 9.37 -0.93 -4.80
N HIS A 40 8.20 -0.57 -4.27
CA HIS A 40 7.06 -1.47 -4.28
C HIS A 40 6.45 -1.58 -5.66
N LYS A 41 7.19 -2.18 -6.59
CA LYS A 41 6.73 -2.35 -7.96
C LYS A 41 6.22 -3.76 -8.20
N ALA A 42 7.02 -4.75 -7.80
CA ALA A 42 6.65 -6.15 -7.97
C ALA A 42 5.76 -6.62 -6.83
N CYS A 43 4.92 -5.71 -6.32
CA CYS A 43 4.02 -6.04 -5.23
C CYS A 43 2.55 -5.92 -5.69
N GLU A 44 1.64 -6.08 -4.74
CA GLU A 44 0.21 -5.99 -5.05
C GLU A 44 -0.51 -5.15 -3.99
N VAL A 45 -1.05 -4.01 -4.43
CA VAL A 45 -1.77 -3.11 -3.54
C VAL A 45 -3.28 -3.20 -3.76
N ALA A 46 -4.04 -3.05 -2.69
CA ALA A 46 -5.50 -3.11 -2.76
C ALA A 46 -6.14 -2.03 -1.91
N PRO A 47 -7.46 -1.85 -2.07
CA PRO A 47 -8.22 -0.85 -1.33
C PRO A 47 -8.36 -1.21 0.14
N LEU A 48 -7.62 -0.51 1.01
CA LEU A 48 -7.66 -0.75 2.44
C LEU A 48 -9.04 -1.26 2.86
N GLN A 49 -10.09 -0.59 2.40
CA GLN A 49 -11.45 -0.98 2.73
C GLN A 49 -11.70 -2.44 2.37
N SER A 50 -11.48 -2.77 1.11
CA SER A 50 -11.69 -4.15 0.64
C SER A 50 -10.35 -4.84 0.37
N VAL A 51 -9.80 -5.47 1.40
CA VAL A 51 -8.53 -6.17 1.27
C VAL A 51 -8.75 -7.65 0.98
N PHE A 52 -8.52 -8.05 -0.26
CA PHE A 52 -8.69 -9.45 -0.66
C PHE A 52 -10.12 -9.90 -0.43
N GLN A 53 -11.08 -9.07 -0.84
CA GLN A 53 -12.49 -9.39 -0.69
C GLN A 53 -13.22 -9.28 -2.02
N GLY A 54 -12.94 -8.19 -2.75
CA GLY A 54 -13.59 -7.99 -4.04
C GLY A 54 -12.60 -7.62 -5.13
N GLN A 55 -12.33 -6.33 -5.26
CA GLN A 55 -11.40 -5.86 -6.27
C GLN A 55 -9.96 -6.28 -5.95
N LYS A 56 -9.21 -6.66 -6.97
CA LYS A 56 -7.83 -7.08 -6.80
C LYS A 56 -6.96 -6.59 -7.94
N THR A 57 -5.70 -6.28 -7.63
CA THR A 57 -4.76 -5.80 -8.63
C THR A 57 -4.99 -6.49 -9.98
N GLU A 58 -4.82 -5.73 -11.06
CA GLU A 58 -5.01 -6.27 -12.40
C GLU A 58 -3.69 -6.73 -13.00
N SER A 59 -2.72 -5.81 -13.07
CA SER A 59 -1.41 -6.13 -13.62
C SER A 59 -0.93 -7.49 -13.14
N GLY A 60 -0.32 -8.25 -14.05
CA GLY A 60 0.17 -9.57 -13.72
C GLY A 60 -0.37 -10.64 -14.63
N PRO A 61 0.54 -11.41 -15.26
CA PRO A 61 0.17 -12.48 -16.18
C PRO A 61 -0.47 -13.67 -15.46
N SER A 62 -0.47 -13.62 -14.14
CA SER A 62 -1.05 -14.69 -13.33
C SER A 62 -1.51 -14.16 -11.99
N SER A 63 -2.47 -14.86 -11.38
CA SER A 63 -3.00 -14.46 -10.08
C SER A 63 -2.42 -15.31 -8.96
N GLY A 64 -1.24 -14.90 -8.48
CA GLY A 64 -0.59 -15.64 -7.40
C GLY A 64 0.89 -15.31 -7.29
N GLY A 1 -10.53 -8.60 16.38
CA GLY A 1 -9.71 -9.35 15.43
C GLY A 1 -9.02 -8.44 14.43
N SER A 2 -9.58 -8.38 13.21
CA SER A 2 -9.00 -7.55 12.16
C SER A 2 -8.86 -6.11 12.62
N SER A 3 -9.95 -5.55 13.17
CA SER A 3 -9.95 -4.19 13.65
C SER A 3 -9.19 -4.06 14.97
N GLY A 4 -8.15 -3.23 14.97
CA GLY A 4 -7.36 -3.03 16.17
C GLY A 4 -7.60 -1.68 16.82
N SER A 5 -7.20 -1.55 18.08
CA SER A 5 -7.38 -0.31 18.81
C SER A 5 -6.07 0.48 18.88
N SER A 6 -5.77 1.22 17.81
CA SER A 6 -4.55 2.01 17.75
C SER A 6 -4.56 2.93 16.53
N GLY A 7 -3.84 4.04 16.63
CA GLY A 7 -3.78 4.98 15.53
C GLY A 7 -3.45 4.32 14.21
N HIS A 8 -3.53 5.08 13.13
CA HIS A 8 -3.24 4.55 11.79
C HIS A 8 -1.75 4.68 11.47
N PRO A 9 -1.18 3.61 10.92
CA PRO A 9 0.24 3.57 10.56
C PRO A 9 0.56 4.46 9.36
N MET A 10 1.72 5.10 9.40
CA MET A 10 2.14 5.99 8.31
C MET A 10 3.28 5.36 7.51
N CYS A 11 3.31 5.65 6.22
CA CYS A 11 4.35 5.12 5.34
C CYS A 11 5.73 5.32 5.96
N LYS A 12 6.60 4.34 5.77
CA LYS A 12 7.96 4.41 6.30
C LYS A 12 8.84 5.32 5.43
N GLU A 13 8.81 5.09 4.13
CA GLU A 13 9.61 5.88 3.20
C GLU A 13 9.27 7.36 3.31
N HIS A 14 7.99 7.68 3.15
CA HIS A 14 7.53 9.06 3.24
C HIS A 14 7.69 9.59 4.66
N GLU A 15 7.18 10.81 4.89
CA GLU A 15 7.27 11.42 6.21
C GLU A 15 5.95 12.07 6.60
N ASP A 16 5.19 11.38 7.45
CA ASP A 16 3.90 11.88 7.90
C ASP A 16 2.92 11.99 6.73
N GLU A 17 2.72 10.89 6.02
CA GLU A 17 1.81 10.87 4.88
C GLU A 17 0.79 9.74 5.02
N LYS A 18 -0.46 10.12 5.27
CA LYS A 18 -1.53 9.15 5.42
C LYS A 18 -1.46 8.08 4.33
N ILE A 19 -1.79 6.85 4.70
CA ILE A 19 -1.77 5.75 3.75
C ILE A 19 -2.99 5.78 2.83
N ASN A 20 -2.75 5.68 1.53
CA ASN A 20 -3.83 5.70 0.55
C ASN A 20 -4.29 4.28 0.22
N ILE A 21 -3.34 3.36 0.14
CA ILE A 21 -3.66 1.97 -0.17
C ILE A 21 -2.89 1.02 0.76
N TYR A 22 -3.18 -0.27 0.64
CA TYR A 22 -2.51 -1.28 1.45
C TYR A 22 -1.82 -2.32 0.59
N CYS A 23 -0.54 -2.56 0.86
CA CYS A 23 0.23 -3.53 0.10
C CYS A 23 -0.01 -4.94 0.61
N LEU A 24 0.09 -5.92 -0.29
CA LEU A 24 -0.12 -7.32 0.07
C LEU A 24 1.20 -8.08 0.08
N THR A 25 1.85 -8.13 -1.06
CA THR A 25 3.13 -8.83 -1.18
C THR A 25 3.92 -8.77 0.12
N CYS A 26 4.37 -7.57 0.48
CA CYS A 26 5.13 -7.39 1.70
C CYS A 26 4.21 -7.33 2.92
N GLU A 27 2.92 -7.17 2.66
CA GLU A 27 1.93 -7.10 3.74
C GLU A 27 2.17 -5.88 4.62
N VAL A 28 2.21 -4.70 3.99
CA VAL A 28 2.43 -3.45 4.71
C VAL A 28 1.65 -2.31 4.08
N PRO A 29 0.86 -1.61 4.90
CA PRO A 29 0.05 -0.47 4.44
C PRO A 29 0.90 0.73 4.06
N THR A 30 1.41 0.72 2.83
CA THR A 30 2.24 1.81 2.35
C THR A 30 1.48 2.69 1.36
N CYS A 31 1.87 3.96 1.27
CA CYS A 31 1.22 4.90 0.36
C CYS A 31 1.18 4.35 -1.06
N SER A 32 0.68 5.16 -1.98
CA SER A 32 0.59 4.76 -3.38
C SER A 32 1.76 5.31 -4.18
N MET A 33 2.19 6.52 -3.85
CA MET A 33 3.30 7.16 -4.53
C MET A 33 4.50 6.24 -4.60
N CYS A 34 4.63 5.36 -3.60
CA CYS A 34 5.74 4.42 -3.55
C CYS A 34 5.48 3.22 -4.46
N LYS A 35 4.24 2.76 -4.47
CA LYS A 35 3.86 1.62 -5.30
C LYS A 35 4.00 1.96 -6.78
N VAL A 36 3.44 3.10 -7.18
CA VAL A 36 3.50 3.54 -8.57
C VAL A 36 4.83 4.21 -8.88
N PHE A 37 5.39 4.90 -7.88
CA PHE A 37 6.66 5.59 -8.04
C PHE A 37 7.57 5.32 -6.84
N GLY A 38 7.92 4.05 -6.63
CA GLY A 38 8.78 3.68 -5.53
C GLY A 38 9.28 2.27 -5.63
N ILE A 39 10.00 1.81 -4.60
CA ILE A 39 10.55 0.46 -4.59
C ILE A 39 9.43 -0.58 -4.68
N HIS A 40 8.24 -0.21 -4.20
CA HIS A 40 7.09 -1.11 -4.22
C HIS A 40 6.59 -1.31 -5.65
N LYS A 41 7.41 -1.97 -6.46
CA LYS A 41 7.05 -2.24 -7.85
C LYS A 41 6.57 -3.68 -8.02
N ALA A 42 7.34 -4.62 -7.50
CA ALA A 42 6.99 -6.03 -7.60
C ALA A 42 6.00 -6.42 -6.51
N CYS A 43 5.11 -5.50 -6.16
CA CYS A 43 4.12 -5.75 -5.13
C CYS A 43 2.71 -5.62 -5.70
N GLU A 44 1.71 -5.87 -4.86
CA GLU A 44 0.32 -5.78 -5.28
C GLU A 44 -0.55 -5.16 -4.19
N VAL A 45 -0.93 -3.90 -4.39
CA VAL A 45 -1.76 -3.19 -3.42
C VAL A 45 -3.24 -3.44 -3.68
N ALA A 46 -4.06 -3.28 -2.64
CA ALA A 46 -5.50 -3.48 -2.76
C ALA A 46 -6.26 -2.45 -1.93
N PRO A 47 -7.55 -2.26 -2.25
CA PRO A 47 -8.41 -1.32 -1.54
C PRO A 47 -8.74 -1.78 -0.12
N LEU A 48 -8.12 -1.15 0.85
CA LEU A 48 -8.35 -1.49 2.26
C LEU A 48 -9.80 -1.89 2.49
N GLN A 49 -10.70 -1.28 1.72
CA GLN A 49 -12.13 -1.57 1.85
C GLN A 49 -12.36 -3.03 2.20
N SER A 50 -11.79 -3.93 1.38
CA SER A 50 -11.94 -5.36 1.60
C SER A 50 -10.58 -6.04 1.69
N VAL A 51 -9.92 -6.16 0.54
CA VAL A 51 -8.60 -6.78 0.49
C VAL A 51 -8.61 -8.14 1.21
N PHE A 52 -9.56 -8.98 0.84
CA PHE A 52 -9.67 -10.31 1.43
C PHE A 52 -9.59 -11.40 0.37
N GLN A 53 -10.36 -11.23 -0.70
CA GLN A 53 -10.36 -12.20 -1.79
C GLN A 53 -10.50 -11.50 -3.14
N GLY A 54 -10.35 -12.27 -4.22
CA GLY A 54 -10.45 -11.72 -5.54
C GLY A 54 -9.46 -10.59 -5.78
N GLN A 55 -8.20 -10.93 -5.99
CA GLN A 55 -7.15 -9.95 -6.22
C GLN A 55 -7.23 -9.40 -7.64
N LYS A 56 -7.12 -8.08 -7.76
CA LYS A 56 -7.19 -7.43 -9.07
C LYS A 56 -6.35 -6.15 -9.08
N THR A 57 -5.57 -5.96 -10.13
CA THR A 57 -4.72 -4.78 -10.27
C THR A 57 -4.57 -4.37 -11.73
N GLU A 58 -4.40 -3.08 -11.96
CA GLU A 58 -4.24 -2.55 -13.31
C GLU A 58 -3.35 -3.47 -14.15
N SER A 59 -3.91 -4.02 -15.21
CA SER A 59 -3.18 -4.92 -16.10
C SER A 59 -3.23 -4.41 -17.54
N GLY A 60 -2.16 -4.69 -18.29
CA GLY A 60 -2.09 -4.27 -19.67
C GLY A 60 -1.87 -5.43 -20.63
N PRO A 61 -2.94 -5.83 -21.33
CA PRO A 61 -2.89 -6.95 -22.28
C PRO A 61 -2.09 -6.59 -23.53
N SER A 62 -1.53 -7.60 -24.18
CA SER A 62 -0.74 -7.41 -25.39
C SER A 62 -1.52 -7.81 -26.63
N SER A 63 -1.29 -7.10 -27.73
CA SER A 63 -1.98 -7.39 -28.98
C SER A 63 -0.99 -7.46 -30.14
N GLY A 64 -0.31 -6.34 -30.41
CA GLY A 64 0.66 -6.30 -31.49
C GLY A 64 1.68 -7.41 -31.40
N GLY A 1 4.16 5.35 24.94
CA GLY A 1 4.93 4.37 24.19
C GLY A 1 4.43 4.21 22.76
N SER A 2 5.33 3.83 21.86
CA SER A 2 4.98 3.65 20.46
C SER A 2 3.73 2.79 20.32
N SER A 3 3.77 1.59 20.86
CA SER A 3 2.65 0.67 20.79
C SER A 3 1.37 1.34 21.26
N GLY A 4 0.39 1.47 20.36
CA GLY A 4 -0.86 2.10 20.71
C GLY A 4 -1.91 1.92 19.62
N SER A 5 -3.16 2.19 19.98
CA SER A 5 -4.27 2.05 19.03
C SER A 5 -4.95 3.39 18.79
N SER A 6 -4.36 4.20 17.91
CA SER A 6 -4.90 5.52 17.60
C SER A 6 -4.95 5.73 16.09
N GLY A 7 -6.09 5.41 15.48
CA GLY A 7 -6.23 5.58 14.05
C GLY A 7 -5.38 4.61 13.26
N HIS A 8 -4.60 5.14 12.33
CA HIS A 8 -3.74 4.32 11.50
C HIS A 8 -2.34 4.92 11.40
N PRO A 9 -1.33 4.06 11.20
CA PRO A 9 0.07 4.48 11.08
C PRO A 9 0.34 5.24 9.79
N MET A 10 1.58 5.68 9.61
CA MET A 10 1.97 6.43 8.42
C MET A 10 3.06 5.69 7.64
N CYS A 11 3.25 6.08 6.40
CA CYS A 11 4.27 5.46 5.54
C CYS A 11 5.66 5.93 5.93
N LYS A 12 6.43 5.04 6.56
CA LYS A 12 7.79 5.38 6.98
C LYS A 12 8.55 6.09 5.85
N GLU A 13 8.47 5.53 4.65
CA GLU A 13 9.14 6.10 3.50
C GLU A 13 8.84 7.59 3.36
N HIS A 14 7.56 7.94 3.48
CA HIS A 14 7.13 9.33 3.38
C HIS A 14 7.08 9.98 4.74
N GLU A 15 7.19 11.30 4.78
CA GLU A 15 7.16 12.05 6.02
C GLU A 15 5.73 12.42 6.40
N ASP A 16 5.07 13.16 5.52
CA ASP A 16 3.68 13.59 5.76
C ASP A 16 2.78 13.11 4.65
N GLU A 17 2.39 11.83 4.70
CA GLU A 17 1.52 11.25 3.69
C GLU A 17 0.72 10.09 4.27
N LYS A 18 -0.57 10.32 4.51
CA LYS A 18 -1.44 9.30 5.06
C LYS A 18 -1.49 8.07 4.14
N ILE A 19 -1.74 6.91 4.72
CA ILE A 19 -1.83 5.67 3.96
C ILE A 19 -3.09 5.62 3.11
N ASN A 20 -2.92 5.64 1.79
CA ASN A 20 -4.05 5.60 0.88
C ASN A 20 -4.39 4.15 0.50
N ILE A 21 -3.36 3.34 0.31
CA ILE A 21 -3.56 1.94 -0.05
C ILE A 21 -2.72 1.03 0.84
N TYR A 22 -2.89 -0.28 0.67
CA TYR A 22 -2.17 -1.26 1.45
C TYR A 22 -1.48 -2.29 0.55
N CYS A 23 -0.24 -2.64 0.89
CA CYS A 23 0.52 -3.61 0.11
C CYS A 23 0.23 -5.03 0.58
N LEU A 24 0.29 -5.97 -0.36
CA LEU A 24 0.03 -7.37 -0.03
C LEU A 24 1.33 -8.18 -0.04
N THR A 25 1.98 -8.25 -1.19
CA THR A 25 3.23 -8.98 -1.33
C THR A 25 4.02 -8.98 -0.02
N CYS A 26 4.48 -7.81 0.38
CA CYS A 26 5.25 -7.66 1.61
C CYS A 26 4.32 -7.59 2.82
N GLU A 27 3.05 -7.37 2.57
CA GLU A 27 2.05 -7.28 3.64
C GLU A 27 2.33 -6.07 4.53
N VAL A 28 2.45 -4.90 3.92
CA VAL A 28 2.72 -3.67 4.65
C VAL A 28 1.90 -2.51 4.10
N PRO A 29 1.16 -1.83 4.99
CA PRO A 29 0.33 -0.69 4.61
C PRO A 29 1.15 0.53 4.21
N THR A 30 1.49 0.63 2.94
CA THR A 30 2.28 1.73 2.43
C THR A 30 1.47 2.58 1.44
N CYS A 31 1.87 3.84 1.28
CA CYS A 31 1.19 4.74 0.37
C CYS A 31 1.27 4.24 -1.07
N SER A 32 0.60 4.93 -1.97
CA SER A 32 0.59 4.55 -3.38
C SER A 32 1.86 5.03 -4.08
N MET A 33 2.31 6.22 -3.71
CA MET A 33 3.52 6.79 -4.30
C MET A 33 4.64 5.76 -4.36
N CYS A 34 4.76 4.96 -3.31
CA CYS A 34 5.79 3.93 -3.23
C CYS A 34 5.46 2.77 -4.16
N LYS A 35 4.17 2.56 -4.41
CA LYS A 35 3.73 1.48 -5.28
C LYS A 35 3.92 1.85 -6.75
N VAL A 36 3.54 3.08 -7.10
CA VAL A 36 3.67 3.56 -8.47
C VAL A 36 5.09 4.06 -8.74
N PHE A 37 5.68 4.72 -7.75
CA PHE A 37 7.03 5.25 -7.88
C PHE A 37 8.03 4.38 -7.12
N GLY A 38 7.80 4.22 -5.82
CA GLY A 38 8.68 3.41 -5.00
C GLY A 38 9.00 2.07 -5.62
N ILE A 39 9.83 1.29 -4.95
CA ILE A 39 10.22 -0.01 -5.45
C ILE A 39 9.14 -1.05 -5.18
N HIS A 40 7.98 -0.58 -4.72
CA HIS A 40 6.85 -1.46 -4.42
C HIS A 40 6.00 -1.68 -5.66
N LYS A 41 6.62 -1.62 -6.83
CA LYS A 41 5.91 -1.81 -8.09
C LYS A 41 5.61 -3.29 -8.33
N ALA A 42 6.59 -4.14 -8.03
CA ALA A 42 6.43 -5.58 -8.21
C ALA A 42 5.41 -6.14 -7.22
N CYS A 43 5.17 -5.40 -6.15
CA CYS A 43 4.22 -5.83 -5.12
C CYS A 43 2.79 -5.75 -5.64
N GLU A 44 1.84 -6.07 -4.77
CA GLU A 44 0.43 -6.04 -5.14
C GLU A 44 -0.39 -5.25 -4.11
N VAL A 45 -0.78 -4.04 -4.49
CA VAL A 45 -1.57 -3.19 -3.61
C VAL A 45 -3.06 -3.45 -3.77
N ALA A 46 -3.81 -3.22 -2.71
CA ALA A 46 -5.26 -3.43 -2.73
C ALA A 46 -6.00 -2.25 -2.10
N PRO A 47 -7.29 -2.12 -2.41
CA PRO A 47 -8.13 -1.04 -1.88
C PRO A 47 -8.42 -1.21 -0.40
N LEU A 48 -7.58 -0.60 0.43
CA LEU A 48 -7.74 -0.68 1.88
C LEU A 48 -9.22 -0.70 2.26
N GLN A 49 -9.97 0.29 1.77
CA GLN A 49 -11.40 0.38 2.06
C GLN A 49 -12.14 -0.82 1.48
N SER A 50 -12.35 -1.84 2.30
CA SER A 50 -13.05 -3.05 1.88
C SER A 50 -12.17 -3.88 0.95
N VAL A 51 -10.92 -4.09 1.36
CA VAL A 51 -9.98 -4.87 0.57
C VAL A 51 -10.67 -6.08 -0.06
N PHE A 52 -11.40 -6.82 0.74
CA PHE A 52 -12.11 -8.01 0.26
C PHE A 52 -13.02 -7.66 -0.91
N GLN A 53 -12.90 -8.41 -2.00
CA GLN A 53 -13.71 -8.19 -3.18
C GLN A 53 -13.34 -6.87 -3.84
N GLY A 54 -12.05 -6.60 -3.94
CA GLY A 54 -11.58 -5.37 -4.56
C GLY A 54 -11.38 -5.51 -6.05
N GLN A 55 -10.61 -4.58 -6.64
CA GLN A 55 -10.34 -4.61 -8.07
C GLN A 55 -8.86 -4.88 -8.33
N LYS A 56 -8.54 -5.21 -9.57
CA LYS A 56 -7.16 -5.50 -9.96
C LYS A 56 -6.51 -4.28 -10.63
N THR A 57 -5.42 -3.81 -10.06
CA THR A 57 -4.70 -2.66 -10.60
C THR A 57 -3.90 -3.04 -11.84
N GLU A 58 -3.86 -2.13 -12.81
CA GLU A 58 -3.13 -2.38 -14.05
C GLU A 58 -1.63 -2.40 -13.78
N SER A 59 -1.09 -3.59 -13.53
CA SER A 59 0.33 -3.75 -13.26
C SER A 59 1.07 -4.17 -14.51
N GLY A 60 2.20 -3.53 -14.78
CA GLY A 60 2.99 -3.85 -15.95
C GLY A 60 4.39 -3.28 -15.89
N PRO A 61 5.18 -3.52 -16.96
CA PRO A 61 6.56 -3.03 -17.03
C PRO A 61 6.63 -1.51 -17.19
N SER A 62 7.77 -0.94 -16.82
CA SER A 62 7.96 0.50 -16.91
C SER A 62 9.26 0.83 -17.65
N SER A 63 9.22 1.87 -18.47
CA SER A 63 10.39 2.29 -19.23
C SER A 63 11.21 3.31 -18.46
N GLY A 64 12.26 2.84 -17.80
CA GLY A 64 13.12 3.72 -17.03
C GLY A 64 12.89 3.60 -15.54
N GLY A 1 11.34 6.12 23.90
CA GLY A 1 10.63 5.21 23.03
C GLY A 1 9.79 5.94 21.99
N SER A 2 9.18 5.18 21.09
CA SER A 2 8.35 5.76 20.04
C SER A 2 6.94 6.03 20.56
N SER A 3 6.60 7.30 20.71
CA SER A 3 5.27 7.69 21.19
C SER A 3 4.38 8.14 20.03
N GLY A 4 3.31 7.39 19.79
CA GLY A 4 2.39 7.72 18.72
C GLY A 4 1.74 6.50 18.11
N SER A 5 1.44 5.51 18.95
CA SER A 5 0.81 4.29 18.48
C SER A 5 -0.69 4.30 18.73
N SER A 6 -1.33 5.42 18.38
CA SER A 6 -2.76 5.57 18.57
C SER A 6 -3.53 5.10 17.34
N GLY A 7 -2.95 5.33 16.17
CA GLY A 7 -3.59 4.91 14.93
C GLY A 7 -2.72 3.99 14.11
N HIS A 8 -3.10 3.79 12.85
CA HIS A 8 -2.34 2.93 11.95
C HIS A 8 -0.99 3.54 11.61
N PRO A 9 -0.01 2.68 11.32
CA PRO A 9 1.35 3.11 10.97
C PRO A 9 1.41 3.80 9.61
N MET A 10 1.82 5.06 9.59
CA MET A 10 1.92 5.82 8.36
C MET A 10 3.25 5.54 7.65
N CYS A 11 3.36 6.00 6.41
CA CYS A 11 4.58 5.80 5.63
C CYS A 11 5.63 6.83 6.01
N LYS A 12 6.56 6.44 6.87
CA LYS A 12 7.63 7.33 7.31
C LYS A 12 8.31 7.99 6.11
N GLU A 13 8.59 7.19 5.08
CA GLU A 13 9.24 7.71 3.88
C GLU A 13 8.57 9.01 3.42
N HIS A 14 7.24 9.01 3.40
CA HIS A 14 6.49 10.19 2.98
C HIS A 14 6.04 11.01 4.19
N GLU A 15 5.36 12.12 3.93
CA GLU A 15 4.87 12.99 5.00
C GLU A 15 3.37 12.84 5.18
N ASP A 16 2.62 13.28 4.17
CA ASP A 16 1.16 13.19 4.21
C ASP A 16 0.64 12.25 3.13
N GLU A 17 0.62 10.96 3.45
CA GLU A 17 0.14 9.96 2.50
C GLU A 17 -0.90 9.05 3.15
N LYS A 18 -1.00 9.12 4.47
CA LYS A 18 -1.96 8.32 5.21
C LYS A 18 -2.15 6.95 4.55
N ILE A 19 -1.04 6.30 4.21
CA ILE A 19 -1.08 5.00 3.57
C ILE A 19 -2.34 4.85 2.72
N ASN A 20 -2.52 5.78 1.79
CA ASN A 20 -3.69 5.75 0.89
C ASN A 20 -4.13 4.32 0.63
N ILE A 21 -3.19 3.45 0.29
CA ILE A 21 -3.47 2.06 0.02
C ILE A 21 -2.59 1.13 0.85
N TYR A 22 -2.85 -0.17 0.76
CA TYR A 22 -2.08 -1.15 1.50
C TYR A 22 -1.52 -2.22 0.57
N CYS A 23 -0.26 -2.60 0.80
CA CYS A 23 0.39 -3.61 -0.02
C CYS A 23 -0.01 -5.01 0.43
N LEU A 24 -0.17 -5.91 -0.54
CA LEU A 24 -0.54 -7.30 -0.24
C LEU A 24 0.68 -8.21 -0.28
N THR A 25 1.29 -8.32 -1.45
CA THR A 25 2.47 -9.16 -1.62
C THR A 25 3.26 -9.27 -0.32
N CYS A 26 4.00 -8.22 0.00
CA CYS A 26 4.80 -8.18 1.21
C CYS A 26 3.91 -8.13 2.45
N GLU A 27 2.65 -7.77 2.26
CA GLU A 27 1.70 -7.69 3.36
C GLU A 27 2.06 -6.55 4.30
N VAL A 28 2.22 -5.36 3.74
CA VAL A 28 2.57 -4.17 4.53
C VAL A 28 1.85 -2.94 4.01
N PRO A 29 1.21 -2.20 4.92
CA PRO A 29 0.47 -0.98 4.58
C PRO A 29 1.40 0.17 4.16
N THR A 30 1.52 0.39 2.86
CA THR A 30 2.37 1.45 2.34
C THR A 30 1.62 2.33 1.35
N CYS A 31 2.05 3.58 1.23
CA CYS A 31 1.42 4.52 0.31
C CYS A 31 1.50 4.02 -1.12
N SER A 32 0.89 4.76 -2.05
CA SER A 32 0.90 4.39 -3.45
C SER A 32 2.12 4.97 -4.16
N MET A 33 2.62 6.09 -3.65
CA MET A 33 3.79 6.75 -4.23
C MET A 33 4.98 5.80 -4.25
N CYS A 34 5.06 4.92 -3.25
CA CYS A 34 6.15 3.96 -3.15
C CYS A 34 5.91 2.77 -4.06
N LYS A 35 4.64 2.56 -4.42
CA LYS A 35 4.28 1.44 -5.30
C LYS A 35 4.41 1.83 -6.76
N VAL A 36 3.74 2.92 -7.14
CA VAL A 36 3.79 3.40 -8.51
C VAL A 36 5.03 4.26 -8.76
N PHE A 37 5.56 4.83 -7.69
CA PHE A 37 6.75 5.67 -7.79
C PHE A 37 7.74 5.34 -6.69
N GLY A 38 8.05 4.05 -6.54
CA GLY A 38 8.99 3.61 -5.53
C GLY A 38 9.62 2.27 -5.86
N ILE A 39 9.85 1.47 -4.83
CA ILE A 39 10.45 0.15 -5.01
C ILE A 39 9.38 -0.93 -5.11
N HIS A 40 8.28 -0.73 -4.40
CA HIS A 40 7.18 -1.69 -4.42
C HIS A 40 6.53 -1.77 -5.80
N LYS A 41 7.26 -2.36 -6.75
CA LYS A 41 6.76 -2.50 -8.11
C LYS A 41 6.23 -3.91 -8.36
N ALA A 42 6.94 -4.90 -7.83
CA ALA A 42 6.54 -6.29 -7.99
C ALA A 42 5.57 -6.72 -6.89
N CYS A 43 4.74 -5.78 -6.44
CA CYS A 43 3.77 -6.05 -5.39
C CYS A 43 2.34 -5.79 -5.88
N GLU A 44 1.37 -6.04 -5.02
CA GLU A 44 -0.03 -5.83 -5.36
C GLU A 44 -0.75 -5.04 -4.27
N VAL A 45 -1.15 -3.82 -4.60
CA VAL A 45 -1.86 -2.97 -3.64
C VAL A 45 -3.37 -3.15 -3.75
N ALA A 46 -4.08 -2.83 -2.67
CA ALA A 46 -5.53 -2.97 -2.65
C ALA A 46 -6.15 -1.91 -1.73
N PRO A 47 -7.46 -1.69 -1.89
CA PRO A 47 -8.21 -0.72 -1.08
C PRO A 47 -8.36 -1.17 0.36
N LEU A 48 -7.65 -0.51 1.26
CA LEU A 48 -7.71 -0.84 2.69
C LEU A 48 -9.08 -1.39 3.06
N GLN A 49 -10.13 -0.68 2.67
CA GLN A 49 -11.49 -1.10 2.96
C GLN A 49 -11.99 -2.10 1.92
N SER A 50 -12.49 -3.24 2.39
CA SER A 50 -12.99 -4.28 1.50
C SER A 50 -11.89 -4.80 0.59
N VAL A 51 -10.77 -5.21 1.19
CA VAL A 51 -9.64 -5.73 0.44
C VAL A 51 -9.95 -7.10 -0.14
N PHE A 52 -10.26 -7.12 -1.45
CA PHE A 52 -10.58 -8.36 -2.14
C PHE A 52 -9.83 -8.46 -3.46
N GLN A 53 -9.24 -9.63 -3.71
CA GLN A 53 -8.49 -9.86 -4.94
C GLN A 53 -9.29 -9.38 -6.16
N GLY A 54 -8.58 -9.12 -7.24
CA GLY A 54 -9.23 -8.66 -8.46
C GLY A 54 -8.70 -7.32 -8.94
N GLN A 55 -8.72 -7.10 -10.25
CA GLN A 55 -8.24 -5.86 -10.82
C GLN A 55 -6.78 -5.60 -10.44
N LYS A 56 -5.96 -6.65 -10.52
CA LYS A 56 -4.56 -6.55 -10.18
C LYS A 56 -3.87 -5.49 -11.05
N THR A 57 -2.72 -4.99 -10.57
CA THR A 57 -1.98 -3.99 -11.29
C THR A 57 -0.48 -4.09 -11.00
N GLU A 58 0.32 -4.20 -12.07
CA GLU A 58 1.77 -4.33 -11.93
C GLU A 58 2.47 -3.85 -13.19
N SER A 59 3.46 -2.98 -13.01
CA SER A 59 4.22 -2.44 -14.13
C SER A 59 5.03 -3.53 -14.81
N GLY A 60 4.89 -3.65 -16.12
CA GLY A 60 5.62 -4.65 -16.86
C GLY A 60 5.25 -6.06 -16.45
N PRO A 61 4.61 -6.81 -17.38
CA PRO A 61 4.19 -8.19 -17.12
C PRO A 61 5.37 -9.15 -17.03
N SER A 62 5.88 -9.33 -15.82
CA SER A 62 7.01 -10.21 -15.58
C SER A 62 6.62 -11.67 -15.82
N SER A 63 7.34 -12.34 -16.72
CA SER A 63 7.07 -13.73 -17.04
C SER A 63 8.18 -14.64 -16.52
N GLY A 64 8.05 -15.08 -15.29
CA GLY A 64 9.06 -15.95 -14.70
C GLY A 64 9.42 -15.56 -13.29
N GLY A 1 -12.27 4.66 23.75
CA GLY A 1 -13.59 4.09 24.02
C GLY A 1 -13.62 3.27 25.29
N SER A 2 -13.13 2.04 25.22
CA SER A 2 -13.12 1.15 26.38
C SER A 2 -11.68 0.79 26.77
N SER A 3 -10.96 0.19 25.82
CA SER A 3 -9.58 -0.21 26.07
C SER A 3 -8.64 0.44 25.05
N GLY A 4 -8.25 1.68 25.33
CA GLY A 4 -7.35 2.41 24.44
C GLY A 4 -7.82 2.36 23.00
N SER A 5 -7.08 3.01 22.12
CA SER A 5 -7.42 3.05 20.70
C SER A 5 -6.18 2.85 19.84
N SER A 6 -6.35 2.10 18.75
CA SER A 6 -5.24 1.83 17.84
C SER A 6 -5.30 2.74 16.63
N GLY A 7 -4.12 3.16 16.15
CA GLY A 7 -4.05 4.03 15.00
C GLY A 7 -3.23 3.44 13.87
N HIS A 8 -3.75 3.55 12.65
CA HIS A 8 -3.07 3.01 11.48
C HIS A 8 -1.69 3.65 11.32
N PRO A 9 -0.68 2.84 10.98
CA PRO A 9 0.69 3.30 10.80
C PRO A 9 0.85 4.17 9.55
N MET A 10 1.92 4.95 9.52
CA MET A 10 2.19 5.82 8.38
C MET A 10 3.28 5.24 7.48
N CYS A 11 3.37 5.75 6.27
CA CYS A 11 4.37 5.28 5.31
C CYS A 11 5.76 5.78 5.70
N LYS A 12 6.63 4.85 6.09
CA LYS A 12 7.99 5.19 6.48
C LYS A 12 8.55 6.29 5.59
N GLU A 13 8.65 6.00 4.30
CA GLU A 13 9.18 6.98 3.34
C GLU A 13 8.45 8.31 3.47
N HIS A 14 7.13 8.26 3.50
CA HIS A 14 6.31 9.47 3.62
C HIS A 14 5.55 9.47 4.94
N GLU A 15 6.22 9.91 6.00
CA GLU A 15 5.61 9.97 7.32
C GLU A 15 4.48 11.00 7.36
N ASP A 16 4.71 12.15 6.72
CA ASP A 16 3.71 13.21 6.67
C ASP A 16 2.43 12.73 5.99
N GLU A 17 2.59 12.06 4.85
CA GLU A 17 1.45 11.55 4.09
C GLU A 17 0.82 10.35 4.81
N LYS A 18 -0.47 10.14 4.56
CA LYS A 18 -1.18 9.02 5.19
C LYS A 18 -1.16 7.80 4.28
N ILE A 19 -1.68 6.68 4.78
CA ILE A 19 -1.73 5.44 4.02
C ILE A 19 -3.01 5.36 3.20
N ASN A 20 -2.88 5.54 1.89
CA ASN A 20 -4.03 5.48 1.00
C ASN A 20 -4.33 4.04 0.58
N ILE A 21 -3.28 3.30 0.26
CA ILE A 21 -3.43 1.91 -0.14
C ILE A 21 -2.69 0.97 0.81
N TYR A 22 -2.87 -0.33 0.60
CA TYR A 22 -2.21 -1.33 1.45
C TYR A 22 -1.59 -2.43 0.60
N CYS A 23 -0.30 -2.68 0.82
CA CYS A 23 0.42 -3.70 0.08
C CYS A 23 0.15 -5.09 0.65
N LEU A 24 -0.03 -6.07 -0.23
CA LEU A 24 -0.31 -7.44 0.19
C LEU A 24 0.95 -8.30 0.06
N THR A 25 1.61 -8.22 -1.09
CA THR A 25 2.81 -8.99 -1.34
C THR A 25 3.69 -9.06 -0.09
N CYS A 26 4.14 -7.91 0.38
CA CYS A 26 4.98 -7.84 1.57
C CYS A 26 4.14 -7.70 2.83
N GLU A 27 2.84 -7.46 2.65
CA GLU A 27 1.92 -7.31 3.77
C GLU A 27 2.28 -6.09 4.61
N VAL A 28 2.38 -4.93 3.94
CA VAL A 28 2.73 -3.69 4.62
C VAL A 28 1.91 -2.52 4.08
N PRO A 29 1.31 -1.74 4.98
CA PRO A 29 0.50 -0.58 4.60
C PRO A 29 1.34 0.56 4.04
N THR A 30 1.42 0.62 2.71
CA THR A 30 2.19 1.66 2.03
C THR A 30 1.30 2.55 1.18
N CYS A 31 1.82 3.69 0.75
CA CYS A 31 1.07 4.62 -0.06
C CYS A 31 1.18 4.25 -1.54
N SER A 32 0.61 5.10 -2.40
CA SER A 32 0.63 4.86 -3.84
C SER A 32 1.95 5.33 -4.45
N MET A 33 2.39 6.51 -4.05
CA MET A 33 3.63 7.09 -4.54
C MET A 33 4.74 6.05 -4.54
N CYS A 34 4.76 5.21 -3.51
CA CYS A 34 5.77 4.17 -3.39
C CYS A 34 5.49 3.02 -4.35
N LYS A 35 4.22 2.67 -4.48
CA LYS A 35 3.81 1.59 -5.37
C LYS A 35 4.11 1.93 -6.82
N VAL A 36 3.61 3.07 -7.28
CA VAL A 36 3.83 3.51 -8.65
C VAL A 36 5.19 4.19 -8.80
N PHE A 37 5.60 4.92 -7.76
CA PHE A 37 6.87 5.61 -7.78
C PHE A 37 7.73 5.22 -6.58
N GLY A 38 8.04 3.93 -6.48
CA GLY A 38 8.84 3.45 -5.37
C GLY A 38 9.30 2.01 -5.57
N ILE A 39 10.04 1.49 -4.60
CA ILE A 39 10.54 0.13 -4.67
C ILE A 39 9.40 -0.88 -4.75
N HIS A 40 8.24 -0.47 -4.25
CA HIS A 40 7.06 -1.34 -4.26
C HIS A 40 6.51 -1.47 -5.67
N LYS A 41 7.27 -2.11 -6.55
CA LYS A 41 6.86 -2.32 -7.93
C LYS A 41 6.35 -3.73 -8.14
N ALA A 42 7.13 -4.71 -7.70
CA ALA A 42 6.75 -6.11 -7.83
C ALA A 42 5.79 -6.53 -6.72
N CYS A 43 4.93 -5.61 -6.31
CA CYS A 43 3.96 -5.88 -5.26
C CYS A 43 2.54 -5.64 -5.75
N GLU A 44 1.57 -5.89 -4.88
CA GLU A 44 0.16 -5.71 -5.24
C GLU A 44 -0.56 -4.89 -4.16
N VAL A 45 -1.04 -3.71 -4.56
CA VAL A 45 -1.76 -2.83 -3.63
C VAL A 45 -3.26 -2.91 -3.86
N ALA A 46 -4.02 -2.93 -2.77
CA ALA A 46 -5.47 -3.00 -2.86
C ALA A 46 -6.12 -1.98 -1.92
N PRO A 47 -7.45 -1.81 -2.06
CA PRO A 47 -8.21 -0.87 -1.23
C PRO A 47 -8.32 -1.33 0.22
N LEU A 48 -7.65 -0.62 1.11
CA LEU A 48 -7.68 -0.95 2.54
C LEU A 48 -9.01 -1.57 2.93
N GLN A 49 -10.10 -1.08 2.32
CA GLN A 49 -11.43 -1.58 2.61
C GLN A 49 -11.60 -2.98 2.04
N SER A 50 -11.32 -4.00 2.85
CA SER A 50 -11.44 -5.39 2.44
C SER A 50 -10.52 -5.67 1.25
N VAL A 51 -9.23 -5.40 1.43
CA VAL A 51 -8.25 -5.63 0.38
C VAL A 51 -8.25 -7.09 -0.07
N PHE A 52 -8.98 -7.37 -1.14
CA PHE A 52 -9.07 -8.73 -1.66
C PHE A 52 -8.16 -8.91 -2.88
N GLN A 53 -7.51 -10.07 -2.96
CA GLN A 53 -6.61 -10.37 -4.06
C GLN A 53 -7.39 -10.61 -5.36
N GLY A 54 -6.65 -10.79 -6.45
CA GLY A 54 -7.30 -11.03 -7.73
C GLY A 54 -7.05 -9.90 -8.72
N GLN A 55 -5.80 -9.47 -8.82
CA GLN A 55 -5.43 -8.39 -9.73
C GLN A 55 -4.15 -8.72 -10.49
N LYS A 56 -3.94 -8.06 -11.62
CA LYS A 56 -2.76 -8.28 -12.42
C LYS A 56 -1.84 -7.05 -12.41
N THR A 57 -1.72 -6.44 -11.23
CA THR A 57 -0.89 -5.26 -11.08
C THR A 57 0.55 -5.64 -10.75
N GLU A 58 0.71 -6.67 -9.94
CA GLU A 58 2.04 -7.14 -9.55
C GLU A 58 3.01 -7.07 -10.72
N SER A 59 2.62 -7.66 -11.85
CA SER A 59 3.45 -7.66 -13.04
C SER A 59 2.72 -8.30 -14.21
N GLY A 60 2.27 -7.46 -15.15
CA GLY A 60 1.56 -7.95 -16.31
C GLY A 60 0.44 -8.92 -15.93
N PRO A 61 -0.25 -9.44 -16.96
CA PRO A 61 -1.35 -10.40 -16.76
C PRO A 61 -0.87 -11.74 -16.26
N SER A 62 0.44 -11.87 -16.07
CA SER A 62 1.03 -13.11 -15.60
C SER A 62 0.19 -13.73 -14.48
N SER A 63 -0.30 -14.95 -14.72
CA SER A 63 -1.13 -15.64 -13.74
C SER A 63 -0.51 -15.56 -12.35
N GLY A 64 0.74 -16.02 -12.24
CA GLY A 64 1.42 -16.00 -10.96
C GLY A 64 2.25 -17.24 -10.71
N GLY A 1 9.89 -13.25 28.52
CA GLY A 1 8.93 -12.84 27.52
C GLY A 1 8.08 -11.66 27.98
N SER A 2 7.64 -10.83 27.04
CA SER A 2 6.83 -9.67 27.36
C SER A 2 6.12 -9.15 26.12
N SER A 3 4.79 -9.16 26.17
CA SER A 3 3.98 -8.69 25.05
C SER A 3 4.27 -7.22 24.75
N GLY A 4 4.26 -6.87 23.46
CA GLY A 4 4.52 -5.50 23.06
C GLY A 4 3.90 -5.17 21.72
N SER A 5 2.57 -5.15 21.68
CA SER A 5 1.85 -4.84 20.45
C SER A 5 2.12 -3.40 20.01
N SER A 6 2.03 -3.17 18.70
CA SER A 6 2.27 -1.83 18.15
C SER A 6 1.44 -1.61 16.89
N GLY A 7 1.25 -0.35 16.53
CA GLY A 7 0.48 -0.03 15.34
C GLY A 7 1.35 0.40 14.18
N HIS A 8 0.73 0.63 13.03
CA HIS A 8 1.45 1.04 11.83
C HIS A 8 1.24 2.52 11.54
N PRO A 9 2.25 3.34 11.85
CA PRO A 9 2.19 4.79 11.64
C PRO A 9 2.22 5.15 10.16
N MET A 10 2.29 6.45 9.88
CA MET A 10 2.32 6.93 8.50
C MET A 10 3.43 6.23 7.70
N CYS A 11 3.26 6.21 6.38
CA CYS A 11 4.24 5.57 5.51
C CYS A 11 5.66 5.96 5.90
N LYS A 12 6.38 5.03 6.51
CA LYS A 12 7.76 5.28 6.94
C LYS A 12 8.56 5.93 5.82
N GLU A 13 8.45 5.36 4.62
CA GLU A 13 9.17 5.87 3.47
C GLU A 13 9.05 7.39 3.38
N HIS A 14 7.81 7.88 3.41
CA HIS A 14 7.56 9.32 3.34
C HIS A 14 7.49 9.93 4.74
N GLU A 15 7.63 11.24 4.81
CA GLU A 15 7.57 11.95 6.09
C GLU A 15 6.14 12.08 6.59
N ASP A 16 5.29 12.67 5.76
CA ASP A 16 3.88 12.86 6.11
C ASP A 16 2.97 12.40 4.98
N GLU A 17 2.75 11.08 4.92
CA GLU A 17 1.90 10.50 3.88
C GLU A 17 0.76 9.70 4.50
N LYS A 18 -0.47 10.11 4.24
CA LYS A 18 -1.65 9.43 4.77
C LYS A 18 -1.90 8.14 4.01
N ILE A 19 -1.49 7.02 4.59
CA ILE A 19 -1.68 5.72 3.97
C ILE A 19 -2.99 5.67 3.17
N ASN A 20 -2.87 5.61 1.86
CA ASN A 20 -4.03 5.56 0.99
C ASN A 20 -4.42 4.12 0.66
N ILE A 21 -3.42 3.31 0.30
CA ILE A 21 -3.64 1.92 -0.02
C ILE A 21 -2.77 1.01 0.82
N TYR A 22 -2.99 -0.30 0.68
CA TYR A 22 -2.22 -1.29 1.45
C TYR A 22 -1.58 -2.32 0.52
N CYS A 23 -0.32 -2.64 0.77
CA CYS A 23 0.40 -3.61 -0.04
C CYS A 23 0.11 -5.04 0.43
N LEU A 24 0.07 -5.96 -0.52
CA LEU A 24 -0.19 -7.36 -0.21
C LEU A 24 1.09 -8.19 -0.25
N THR A 25 1.72 -8.23 -1.41
CA THR A 25 2.96 -8.99 -1.57
C THR A 25 3.75 -9.04 -0.27
N CYS A 26 4.23 -7.89 0.17
CA CYS A 26 5.01 -7.79 1.40
C CYS A 26 4.08 -7.75 2.62
N GLU A 27 2.81 -7.45 2.38
CA GLU A 27 1.82 -7.38 3.46
C GLU A 27 2.12 -6.20 4.38
N VAL A 28 2.22 -5.01 3.79
CA VAL A 28 2.49 -3.80 4.56
C VAL A 28 1.69 -2.62 4.03
N PRO A 29 0.96 -1.95 4.93
CA PRO A 29 0.14 -0.78 4.57
C PRO A 29 0.99 0.43 4.19
N THR A 30 1.18 0.63 2.90
CA THR A 30 1.97 1.76 2.41
C THR A 30 1.19 2.58 1.38
N CYS A 31 1.60 3.81 1.19
CA CYS A 31 0.94 4.70 0.23
C CYS A 31 1.06 4.15 -1.19
N SER A 32 0.53 4.91 -2.16
CA SER A 32 0.57 4.49 -3.55
C SER A 32 1.80 5.06 -4.25
N MET A 33 2.21 6.25 -3.83
CA MET A 33 3.38 6.90 -4.42
C MET A 33 4.57 5.96 -4.44
N CYS A 34 4.67 5.11 -3.43
CA CYS A 34 5.76 4.15 -3.33
C CYS A 34 5.53 2.95 -4.25
N LYS A 35 4.27 2.62 -4.46
CA LYS A 35 3.91 1.49 -5.32
C LYS A 35 4.09 1.85 -6.79
N VAL A 36 3.52 2.98 -7.19
CA VAL A 36 3.60 3.45 -8.56
C VAL A 36 4.93 4.16 -8.82
N PHE A 37 5.45 4.81 -7.79
CA PHE A 37 6.72 5.53 -7.90
C PHE A 37 7.62 5.22 -6.71
N GLY A 38 7.93 3.94 -6.53
CA GLY A 38 8.78 3.54 -5.43
C GLY A 38 9.28 2.11 -5.58
N ILE A 39 10.10 1.66 -4.64
CA ILE A 39 10.64 0.31 -4.67
C ILE A 39 9.53 -0.72 -4.80
N HIS A 40 8.36 -0.41 -4.26
CA HIS A 40 7.21 -1.31 -4.32
C HIS A 40 6.68 -1.42 -5.74
N LYS A 41 7.46 -2.06 -6.61
CA LYS A 41 7.08 -2.24 -8.00
C LYS A 41 6.53 -3.64 -8.24
N ALA A 42 7.28 -4.66 -7.80
CA ALA A 42 6.88 -6.04 -7.96
C ALA A 42 5.91 -6.46 -6.86
N CYS A 43 5.08 -5.52 -6.43
CA CYS A 43 4.10 -5.79 -5.38
C CYS A 43 2.68 -5.58 -5.90
N GLU A 44 1.70 -5.81 -5.03
CA GLU A 44 0.29 -5.65 -5.40
C GLU A 44 -0.51 -5.03 -4.25
N VAL A 45 -0.92 -3.78 -4.42
CA VAL A 45 -1.69 -3.10 -3.41
C VAL A 45 -3.19 -3.36 -3.57
N ALA A 46 -3.94 -3.14 -2.49
CA ALA A 46 -5.38 -3.35 -2.53
C ALA A 46 -6.12 -2.29 -1.71
N PRO A 47 -7.41 -2.11 -1.99
CA PRO A 47 -8.25 -1.12 -1.30
C PRO A 47 -8.52 -1.52 0.15
N LEU A 48 -7.83 -0.86 1.07
CA LEU A 48 -8.01 -1.15 2.50
C LEU A 48 -9.41 -1.67 2.78
N GLN A 49 -10.40 -1.02 2.18
CA GLN A 49 -11.79 -1.42 2.37
C GLN A 49 -11.99 -2.90 2.06
N SER A 50 -11.72 -3.27 0.82
CA SER A 50 -11.87 -4.66 0.38
C SER A 50 -10.50 -5.31 0.17
N VAL A 51 -9.91 -5.80 1.26
CA VAL A 51 -8.61 -6.44 1.19
C VAL A 51 -8.73 -7.95 1.34
N PHE A 52 -9.49 -8.39 2.33
CA PHE A 52 -9.70 -9.81 2.58
C PHE A 52 -9.75 -10.59 1.27
N GLN A 53 -10.51 -10.07 0.31
CA GLN A 53 -10.66 -10.71 -0.99
C GLN A 53 -10.22 -9.78 -2.11
N GLY A 54 -8.94 -9.89 -2.49
CA GLY A 54 -8.42 -9.04 -3.56
C GLY A 54 -7.81 -9.84 -4.68
N GLN A 55 -7.30 -9.14 -5.69
CA GLN A 55 -6.68 -9.80 -6.84
C GLN A 55 -5.39 -9.09 -7.24
N LYS A 56 -4.45 -9.85 -7.79
CA LYS A 56 -3.18 -9.30 -8.23
C LYS A 56 -3.32 -8.59 -9.57
N THR A 57 -2.61 -7.47 -9.73
CA THR A 57 -2.66 -6.70 -10.97
C THR A 57 -1.29 -6.66 -11.63
N GLU A 58 -0.59 -7.80 -11.61
CA GLU A 58 0.73 -7.89 -12.22
C GLU A 58 0.67 -8.66 -13.53
N SER A 59 0.50 -7.93 -14.64
CA SER A 59 0.42 -8.56 -15.95
C SER A 59 1.45 -7.95 -16.90
N GLY A 60 1.83 -8.71 -17.92
CA GLY A 60 2.81 -8.24 -18.88
C GLY A 60 3.96 -9.21 -19.05
N PRO A 61 5.18 -8.76 -18.67
CA PRO A 61 6.38 -9.58 -18.78
C PRO A 61 6.39 -10.74 -17.79
N SER A 62 5.30 -10.88 -17.04
CA SER A 62 5.17 -11.95 -16.06
C SER A 62 5.55 -13.30 -16.67
N SER A 63 5.05 -13.55 -17.88
CA SER A 63 5.33 -14.80 -18.58
C SER A 63 6.82 -15.12 -18.53
N GLY A 64 7.63 -14.17 -18.98
CA GLY A 64 9.08 -14.38 -18.98
C GLY A 64 9.81 -13.28 -19.74
N GLY A 1 -4.73 8.15 27.58
CA GLY A 1 -4.14 6.84 27.40
C GLY A 1 -3.29 6.75 26.15
N SER A 2 -3.94 6.75 24.99
CA SER A 2 -3.24 6.65 23.72
C SER A 2 -3.48 7.90 22.88
N SER A 3 -2.66 8.94 23.12
CA SER A 3 -2.79 10.19 22.38
C SER A 3 -2.09 10.09 21.03
N GLY A 4 -2.85 10.36 19.96
CA GLY A 4 -2.29 10.30 18.63
C GLY A 4 -2.10 8.88 18.13
N SER A 5 -1.47 8.05 18.96
CA SER A 5 -1.22 6.66 18.59
C SER A 5 -2.45 6.06 17.91
N SER A 6 -3.62 6.32 18.47
CA SER A 6 -4.87 5.80 17.91
C SER A 6 -4.88 5.92 16.39
N GLY A 7 -5.05 4.79 15.72
CA GLY A 7 -5.07 4.79 14.27
C GLY A 7 -4.08 3.81 13.67
N HIS A 8 -3.34 4.25 12.66
CA HIS A 8 -2.35 3.41 11.99
C HIS A 8 -1.08 4.20 11.70
N PRO A 9 0.05 3.48 11.61
CA PRO A 9 1.36 4.08 11.33
C PRO A 9 1.45 4.61 9.91
N MET A 10 2.05 5.79 9.75
CA MET A 10 2.20 6.41 8.44
C MET A 10 3.26 5.68 7.62
N CYS A 11 3.27 5.93 6.32
CA CYS A 11 4.23 5.30 5.43
C CYS A 11 5.64 5.36 6.01
N LYS A 12 6.49 4.43 5.58
CA LYS A 12 7.87 4.39 6.05
C LYS A 12 8.73 5.43 5.35
N GLU A 13 8.56 5.54 4.03
CA GLU A 13 9.32 6.50 3.25
C GLU A 13 8.84 7.92 3.51
N HIS A 14 7.55 8.15 3.33
CA HIS A 14 6.97 9.47 3.55
C HIS A 14 6.56 9.64 5.02
N GLU A 15 6.34 10.89 5.41
CA GLU A 15 5.94 11.19 6.79
C GLU A 15 4.67 12.03 6.82
N ASP A 16 4.59 13.01 5.94
CA ASP A 16 3.43 13.89 5.87
C ASP A 16 2.25 13.17 5.22
N GLU A 17 2.50 12.51 4.10
CA GLU A 17 1.46 11.78 3.38
C GLU A 17 0.93 10.63 4.23
N LYS A 18 -0.37 10.37 4.13
CA LYS A 18 -1.01 9.30 4.89
C LYS A 18 -1.12 8.04 4.04
N ILE A 19 -1.54 6.95 4.67
CA ILE A 19 -1.69 5.67 3.98
C ILE A 19 -2.94 5.66 3.11
N ASN A 20 -2.74 5.52 1.80
CA ASN A 20 -3.86 5.49 0.86
C ASN A 20 -4.27 4.05 0.55
N ILE A 21 -3.28 3.18 0.38
CA ILE A 21 -3.54 1.78 0.08
C ILE A 21 -2.67 0.86 0.95
N TYR A 22 -2.92 -0.44 0.84
CA TYR A 22 -2.17 -1.42 1.60
C TYR A 22 -1.51 -2.45 0.68
N CYS A 23 -0.23 -2.73 0.94
CA CYS A 23 0.51 -3.69 0.13
C CYS A 23 0.22 -5.12 0.59
N LEU A 24 0.15 -6.04 -0.36
CA LEU A 24 -0.12 -7.44 -0.06
C LEU A 24 1.18 -8.25 -0.04
N THR A 25 1.87 -8.28 -1.17
CA THR A 25 3.12 -9.02 -1.29
C THR A 25 3.88 -9.01 0.03
N CYS A 26 4.48 -7.87 0.36
CA CYS A 26 5.25 -7.73 1.59
C CYS A 26 4.32 -7.66 2.80
N GLU A 27 3.02 -7.49 2.54
CA GLU A 27 2.03 -7.41 3.61
C GLU A 27 2.31 -6.22 4.52
N VAL A 28 2.40 -5.04 3.92
CA VAL A 28 2.67 -3.81 4.68
C VAL A 28 1.84 -2.65 4.15
N PRO A 29 1.11 -1.98 5.05
CA PRO A 29 0.27 -0.83 4.71
C PRO A 29 1.09 0.39 4.30
N THR A 30 1.35 0.53 3.00
CA THR A 30 2.13 1.65 2.49
C THR A 30 1.31 2.48 1.51
N CYS A 31 1.67 3.75 1.38
CA CYS A 31 0.97 4.66 0.48
C CYS A 31 0.93 4.09 -0.93
N SER A 32 0.41 4.88 -1.87
CA SER A 32 0.32 4.46 -3.27
C SER A 32 1.44 5.05 -4.10
N MET A 33 1.83 6.29 -3.77
CA MET A 33 2.91 6.96 -4.48
C MET A 33 4.15 6.09 -4.56
N CYS A 34 4.35 5.25 -3.55
CA CYS A 34 5.50 4.36 -3.51
C CYS A 34 5.31 3.18 -4.46
N LYS A 35 4.09 2.65 -4.49
CA LYS A 35 3.78 1.52 -5.36
C LYS A 35 3.95 1.89 -6.83
N VAL A 36 3.40 3.04 -7.20
CA VAL A 36 3.49 3.51 -8.58
C VAL A 36 4.84 4.18 -8.84
N PHE A 37 5.36 4.85 -7.82
CA PHE A 37 6.65 5.53 -7.93
C PHE A 37 7.52 5.26 -6.72
N GLY A 38 7.87 3.99 -6.53
CA GLY A 38 8.70 3.61 -5.40
C GLY A 38 9.28 2.22 -5.54
N ILE A 39 9.77 1.66 -4.44
CA ILE A 39 10.35 0.32 -4.45
C ILE A 39 9.27 -0.75 -4.31
N HIS A 40 8.02 -0.33 -4.40
CA HIS A 40 6.89 -1.24 -4.29
C HIS A 40 6.24 -1.48 -5.65
N LYS A 41 7.05 -1.88 -6.62
CA LYS A 41 6.55 -2.14 -7.97
C LYS A 41 6.19 -3.61 -8.15
N ALA A 42 7.07 -4.49 -7.66
CA ALA A 42 6.85 -5.92 -7.76
C ALA A 42 5.94 -6.42 -6.64
N CYS A 43 5.02 -5.56 -6.21
CA CYS A 43 4.09 -5.92 -5.14
C CYS A 43 2.65 -5.82 -5.62
N GLU A 44 1.71 -6.04 -4.71
CA GLU A 44 0.29 -5.97 -5.03
C GLU A 44 -0.49 -5.21 -3.95
N VAL A 45 -0.79 -3.96 -4.23
CA VAL A 45 -1.53 -3.12 -3.28
C VAL A 45 -3.04 -3.20 -3.54
N ALA A 46 -3.82 -3.07 -2.48
CA ALA A 46 -5.27 -3.11 -2.59
C ALA A 46 -5.90 -1.76 -2.25
N PRO A 47 -7.19 -1.62 -2.53
CA PRO A 47 -7.93 -0.39 -2.26
C PRO A 47 -8.14 -0.16 -0.77
N LEU A 48 -7.36 -0.87 0.06
CA LEU A 48 -7.47 -0.74 1.50
C LEU A 48 -8.92 -0.66 1.95
N GLN A 49 -9.72 -1.66 1.54
CA GLN A 49 -11.13 -1.70 1.90
C GLN A 49 -11.57 -3.12 2.23
N SER A 50 -11.90 -3.35 3.49
CA SER A 50 -12.33 -4.67 3.93
C SER A 50 -11.64 -5.77 3.13
N VAL A 51 -10.33 -5.65 2.97
CA VAL A 51 -9.55 -6.63 2.22
C VAL A 51 -9.46 -7.95 2.97
N PHE A 52 -10.49 -8.79 2.81
CA PHE A 52 -10.52 -10.08 3.47
C PHE A 52 -9.61 -11.09 2.76
N GLN A 53 -9.81 -11.24 1.45
CA GLN A 53 -9.01 -12.16 0.67
C GLN A 53 -8.09 -11.41 -0.29
N GLY A 54 -7.52 -10.30 0.19
CA GLY A 54 -6.64 -9.51 -0.64
C GLY A 54 -7.09 -9.44 -2.08
N GLN A 55 -8.06 -8.57 -2.36
CA GLN A 55 -8.58 -8.41 -3.71
C GLN A 55 -7.47 -8.07 -4.69
N LYS A 56 -7.65 -8.45 -5.95
CA LYS A 56 -6.67 -8.17 -6.98
C LYS A 56 -7.01 -6.90 -7.75
N THR A 57 -6.00 -6.09 -8.03
CA THR A 57 -6.20 -4.84 -8.75
C THR A 57 -7.01 -5.06 -10.01
N GLU A 58 -8.05 -4.24 -10.19
CA GLU A 58 -8.91 -4.34 -11.36
C GLU A 58 -8.51 -3.32 -12.42
N SER A 59 -7.49 -3.67 -13.21
CA SER A 59 -7.01 -2.78 -14.27
C SER A 59 -6.30 -3.59 -15.35
N GLY A 60 -6.16 -2.96 -16.52
CA GLY A 60 -5.49 -3.64 -17.63
C GLY A 60 -5.86 -5.10 -17.74
N PRO A 61 -5.01 -5.88 -18.41
CA PRO A 61 -5.24 -7.32 -18.61
C PRO A 61 -5.09 -8.11 -17.31
N SER A 62 -5.15 -9.43 -17.43
CA SER A 62 -5.01 -10.29 -16.26
C SER A 62 -3.78 -11.18 -16.38
N SER A 63 -2.68 -10.58 -16.83
CA SER A 63 -1.43 -11.30 -16.99
C SER A 63 -0.69 -11.45 -15.65
N GLY A 64 -1.01 -12.51 -14.92
CA GLY A 64 -0.38 -12.74 -13.63
C GLY A 64 0.22 -14.13 -13.52
N GLY A 1 5.28 17.53 9.36
CA GLY A 1 6.33 16.58 9.70
C GLY A 1 7.24 17.10 10.79
N SER A 2 7.82 18.28 10.58
CA SER A 2 8.73 18.87 11.56
C SER A 2 8.01 19.09 12.89
N SER A 3 8.31 18.24 13.87
CA SER A 3 7.70 18.34 15.18
C SER A 3 6.19 18.15 15.10
N GLY A 4 5.76 17.15 14.32
CA GLY A 4 4.35 16.88 14.16
C GLY A 4 4.08 15.57 13.45
N SER A 5 3.81 14.52 14.22
CA SER A 5 3.55 13.20 13.66
C SER A 5 2.09 12.81 13.88
N SER A 6 1.18 13.74 13.63
CA SER A 6 -0.24 13.48 13.81
C SER A 6 -0.72 12.36 12.88
N GLY A 7 -1.78 11.67 13.29
CA GLY A 7 -2.30 10.59 12.48
C GLY A 7 -1.65 9.26 12.80
N HIS A 8 -2.47 8.26 13.09
CA HIS A 8 -1.97 6.92 13.41
C HIS A 8 -1.27 6.30 12.20
N PRO A 9 -1.96 6.30 11.05
CA PRO A 9 -1.43 5.73 9.81
C PRO A 9 -0.29 6.58 9.24
N MET A 10 0.86 5.94 9.01
CA MET A 10 2.02 6.63 8.46
C MET A 10 2.83 5.70 7.57
N CYS A 11 3.44 6.26 6.53
CA CYS A 11 4.25 5.48 5.61
C CYS A 11 5.73 5.53 5.98
N LYS A 12 6.42 4.42 5.78
CA LYS A 12 7.84 4.33 6.11
C LYS A 12 8.69 4.91 4.98
N GLU A 13 8.09 5.78 4.17
CA GLU A 13 8.79 6.40 3.05
C GLU A 13 8.53 7.90 3.02
N HIS A 14 7.30 8.30 3.37
CA HIS A 14 6.92 9.69 3.38
C HIS A 14 6.76 10.21 4.80
N GLU A 15 6.52 11.52 4.95
CA GLU A 15 6.35 12.13 6.25
C GLU A 15 4.94 12.69 6.42
N ASP A 16 4.49 13.43 5.42
CA ASP A 16 3.15 14.03 5.45
C ASP A 16 2.15 13.13 4.75
N GLU A 17 2.60 12.43 3.72
CA GLU A 17 1.73 11.53 2.96
C GLU A 17 1.26 10.36 3.83
N LYS A 18 0.00 10.42 4.24
CA LYS A 18 -0.59 9.37 5.07
C LYS A 18 -0.85 8.11 4.26
N ILE A 19 -1.11 7.00 4.95
CA ILE A 19 -1.39 5.73 4.28
C ILE A 19 -2.72 5.79 3.54
N ASN A 20 -2.69 5.42 2.26
CA ASN A 20 -3.89 5.43 1.44
C ASN A 20 -4.27 4.01 1.02
N ILE A 21 -3.28 3.24 0.60
CA ILE A 21 -3.52 1.86 0.18
C ILE A 21 -2.72 0.88 1.04
N TYR A 22 -2.98 -0.41 0.84
CA TYR A 22 -2.29 -1.45 1.59
C TYR A 22 -1.62 -2.44 0.65
N CYS A 23 -0.35 -2.76 0.94
CA CYS A 23 0.41 -3.70 0.12
C CYS A 23 0.15 -5.14 0.57
N LEU A 24 0.22 -6.06 -0.38
CA LEU A 24 -0.01 -7.47 -0.10
C LEU A 24 1.30 -8.24 -0.08
N THR A 25 1.99 -8.25 -1.22
CA THR A 25 3.26 -8.96 -1.33
C THR A 25 4.04 -8.91 -0.01
N CYS A 26 4.58 -7.74 0.31
CA CYS A 26 5.34 -7.56 1.54
C CYS A 26 4.42 -7.54 2.74
N GLU A 27 3.12 -7.38 2.50
CA GLU A 27 2.14 -7.34 3.57
C GLU A 27 2.37 -6.13 4.48
N VAL A 28 2.44 -4.95 3.88
CA VAL A 28 2.66 -3.73 4.64
C VAL A 28 1.80 -2.58 4.11
N PRO A 29 1.11 -1.87 5.02
CA PRO A 29 0.24 -0.75 4.66
C PRO A 29 1.03 0.46 4.17
N THR A 30 1.42 0.45 2.90
CA THR A 30 2.18 1.54 2.33
C THR A 30 1.33 2.35 1.35
N CYS A 31 1.68 3.62 1.19
CA CYS A 31 0.95 4.51 0.29
C CYS A 31 1.05 4.01 -1.15
N SER A 32 0.41 4.73 -2.07
CA SER A 32 0.41 4.37 -3.48
C SER A 32 1.67 4.91 -4.16
N MET A 33 2.04 6.13 -3.82
CA MET A 33 3.22 6.76 -4.41
C MET A 33 4.41 5.81 -4.39
N CYS A 34 4.55 5.06 -3.30
CA CYS A 34 5.65 4.11 -3.15
C CYS A 34 5.46 2.92 -4.08
N LYS A 35 4.20 2.61 -4.39
CA LYS A 35 3.88 1.49 -5.27
C LYS A 35 4.12 1.86 -6.72
N VAL A 36 3.58 3.01 -7.14
CA VAL A 36 3.74 3.48 -8.50
C VAL A 36 5.13 4.06 -8.73
N PHE A 37 5.64 4.78 -7.74
CA PHE A 37 6.96 5.39 -7.84
C PHE A 37 7.98 4.61 -7.01
N GLY A 38 7.69 4.46 -5.72
CA GLY A 38 8.60 3.74 -4.83
C GLY A 38 9.03 2.42 -5.42
N ILE A 39 9.89 1.70 -4.69
CA ILE A 39 10.38 0.41 -5.14
C ILE A 39 9.31 -0.67 -5.02
N HIS A 40 8.14 -0.27 -4.56
CA HIS A 40 7.03 -1.20 -4.38
C HIS A 40 6.32 -1.45 -5.72
N LYS A 41 7.09 -1.81 -6.73
CA LYS A 41 6.54 -2.09 -8.05
C LYS A 41 6.19 -3.56 -8.21
N ALA A 42 7.07 -4.43 -7.72
CA ALA A 42 6.86 -5.87 -7.79
C ALA A 42 5.96 -6.35 -6.67
N CYS A 43 5.02 -5.50 -6.26
CA CYS A 43 4.08 -5.84 -5.19
C CYS A 43 2.64 -5.79 -5.68
N GLU A 44 1.71 -5.98 -4.76
CA GLU A 44 0.29 -5.95 -5.10
C GLU A 44 -0.52 -5.22 -4.03
N VAL A 45 -0.97 -4.02 -4.36
CA VAL A 45 -1.75 -3.21 -3.43
C VAL A 45 -3.24 -3.35 -3.70
N ALA A 46 -4.04 -3.29 -2.64
CA ALA A 46 -5.49 -3.41 -2.75
C ALA A 46 -6.19 -2.17 -2.22
N PRO A 47 -7.48 -2.02 -2.54
CA PRO A 47 -8.29 -0.89 -2.10
C PRO A 47 -8.57 -0.92 -0.60
N LEU A 48 -7.70 -0.28 0.17
CA LEU A 48 -7.87 -0.24 1.63
C LEU A 48 -9.35 -0.19 2.01
N GLN A 49 -10.13 0.53 1.22
CA GLN A 49 -11.56 0.65 1.48
C GLN A 49 -12.23 -0.71 1.48
N SER A 50 -12.23 -1.36 2.64
CA SER A 50 -12.84 -2.68 2.79
C SER A 50 -12.13 -3.70 1.91
N VAL A 51 -10.80 -3.72 2.00
CA VAL A 51 -10.00 -4.66 1.21
C VAL A 51 -10.68 -6.02 1.11
N PHE A 52 -11.31 -6.29 -0.02
CA PHE A 52 -11.99 -7.56 -0.24
C PHE A 52 -11.17 -8.49 -1.13
N GLN A 53 -10.95 -8.07 -2.37
CA GLN A 53 -10.17 -8.85 -3.32
C GLN A 53 -9.02 -8.03 -3.90
N GLY A 54 -9.37 -6.94 -4.58
CA GLY A 54 -8.36 -6.09 -5.18
C GLY A 54 -8.54 -5.93 -6.68
N GLN A 55 -8.58 -4.69 -7.14
CA GLN A 55 -8.75 -4.41 -8.56
C GLN A 55 -7.41 -4.05 -9.21
N LYS A 56 -7.22 -4.53 -10.43
CA LYS A 56 -5.98 -4.25 -11.17
C LYS A 56 -5.95 -2.81 -11.66
N THR A 57 -4.86 -2.11 -11.33
CA THR A 57 -4.70 -0.72 -11.73
C THR A 57 -4.37 -0.61 -13.22
N GLU A 58 -5.08 0.27 -13.92
CA GLU A 58 -4.86 0.47 -15.35
C GLU A 58 -5.10 1.93 -15.73
N SER A 59 -4.03 2.62 -16.08
CA SER A 59 -4.11 4.03 -16.48
C SER A 59 -4.94 4.19 -17.75
N GLY A 60 -4.54 3.48 -18.80
CA GLY A 60 -5.25 3.54 -20.06
C GLY A 60 -6.56 2.78 -20.04
N PRO A 61 -7.68 3.52 -20.11
CA PRO A 61 -9.02 2.93 -20.09
C PRO A 61 -9.33 2.15 -21.37
N SER A 62 -9.06 2.77 -22.52
CA SER A 62 -9.31 2.14 -23.80
C SER A 62 -8.18 1.19 -24.18
N SER A 63 -7.74 0.39 -23.21
CA SER A 63 -6.66 -0.55 -23.42
C SER A 63 -7.20 -1.97 -23.54
N GLY A 64 -7.33 -2.45 -24.77
CA GLY A 64 -7.83 -3.79 -25.01
C GLY A 64 -7.56 -4.29 -26.41
N GLY A 1 -1.44 -6.65 29.34
CA GLY A 1 -2.71 -6.08 29.75
C GLY A 1 -3.68 -5.92 28.60
N SER A 2 -4.97 -6.04 28.89
CA SER A 2 -6.01 -5.92 27.87
C SER A 2 -5.87 -4.60 27.11
N SER A 3 -5.50 -4.69 25.84
CA SER A 3 -5.33 -3.51 25.01
C SER A 3 -6.33 -3.50 23.86
N GLY A 4 -7.33 -2.62 23.96
CA GLY A 4 -8.35 -2.54 22.92
C GLY A 4 -8.30 -1.21 22.18
N SER A 5 -7.10 -0.81 21.76
CA SER A 5 -6.92 0.44 21.04
C SER A 5 -5.66 0.40 20.19
N SER A 6 -5.85 0.29 18.87
CA SER A 6 -4.73 0.24 17.94
C SER A 6 -5.18 0.58 16.53
N GLY A 7 -4.29 1.21 15.75
CA GLY A 7 -4.62 1.58 14.39
C GLY A 7 -3.54 1.19 13.40
N HIS A 8 -2.79 2.17 12.93
CA HIS A 8 -1.71 1.92 11.97
C HIS A 8 -0.92 3.19 11.71
N PRO A 9 0.41 3.07 11.73
CA PRO A 9 1.32 4.19 11.49
C PRO A 9 1.29 4.68 10.04
N MET A 10 1.86 5.84 9.80
CA MET A 10 1.89 6.41 8.45
C MET A 10 3.17 5.99 7.72
N CYS A 11 3.09 5.96 6.39
CA CYS A 11 4.23 5.56 5.57
C CYS A 11 5.47 6.37 5.96
N LYS A 12 6.33 5.76 6.77
CA LYS A 12 7.56 6.42 7.21
C LYS A 12 8.26 7.10 6.04
N GLU A 13 8.23 6.45 4.88
CA GLU A 13 8.87 6.99 3.69
C GLU A 13 8.40 8.41 3.42
N HIS A 14 7.10 8.64 3.54
CA HIS A 14 6.52 9.96 3.31
C HIS A 14 6.28 10.68 4.63
N GLU A 15 6.24 12.01 4.58
CA GLU A 15 6.01 12.81 5.77
C GLU A 15 4.56 13.28 5.84
N ASP A 16 4.08 13.84 4.74
CA ASP A 16 2.70 14.33 4.67
C ASP A 16 1.87 13.49 3.72
N GLU A 17 2.02 12.17 3.82
CA GLU A 17 1.28 11.24 2.97
C GLU A 17 0.68 10.11 3.79
N LYS A 18 -0.55 10.29 4.25
CA LYS A 18 -1.22 9.27 5.04
C LYS A 18 -1.47 8.01 4.23
N ILE A 19 -1.28 6.85 4.87
CA ILE A 19 -1.48 5.58 4.20
C ILE A 19 -2.70 5.61 3.29
N ASN A 20 -2.47 5.53 1.98
CA ASN A 20 -3.56 5.56 1.01
C ASN A 20 -3.96 4.13 0.61
N ILE A 21 -2.97 3.29 0.38
CA ILE A 21 -3.22 1.91 0.00
C ILE A 21 -2.47 0.94 0.92
N TYR A 22 -2.71 -0.36 0.71
CA TYR A 22 -2.06 -1.39 1.52
C TYR A 22 -1.48 -2.48 0.62
N CYS A 23 -0.21 -2.81 0.86
CA CYS A 23 0.46 -3.85 0.08
C CYS A 23 0.13 -5.24 0.62
N LEU A 24 0.05 -6.20 -0.29
CA LEU A 24 -0.27 -7.58 0.08
C LEU A 24 0.98 -8.46 0.04
N THR A 25 1.57 -8.57 -1.13
CA THR A 25 2.78 -9.39 -1.30
C THR A 25 3.61 -9.40 -0.03
N CYS A 26 4.18 -8.26 0.31
CA CYS A 26 5.01 -8.13 1.51
C CYS A 26 4.13 -7.99 2.76
N GLU A 27 2.85 -7.74 2.55
CA GLU A 27 1.91 -7.58 3.66
C GLU A 27 2.29 -6.37 4.52
N VAL A 28 2.42 -5.22 3.87
CA VAL A 28 2.77 -3.99 4.58
C VAL A 28 2.02 -2.79 4.00
N PRO A 29 1.37 -2.02 4.88
CA PRO A 29 0.60 -0.84 4.49
C PRO A 29 1.50 0.30 4.01
N THR A 30 1.58 0.46 2.69
CA THR A 30 2.40 1.52 2.11
C THR A 30 1.59 2.38 1.15
N CYS A 31 1.97 3.65 1.03
CA CYS A 31 1.28 4.58 0.15
C CYS A 31 1.40 4.13 -1.31
N SER A 32 0.78 4.89 -2.20
CA SER A 32 0.81 4.58 -3.63
C SER A 32 2.10 5.10 -4.27
N MET A 33 2.58 6.24 -3.78
CA MET A 33 3.80 6.84 -4.30
C MET A 33 4.95 5.85 -4.27
N CYS A 34 4.98 5.02 -3.23
CA CYS A 34 6.04 4.03 -3.07
C CYS A 34 5.81 2.84 -4.00
N LYS A 35 4.56 2.64 -4.40
CA LYS A 35 4.21 1.54 -5.29
C LYS A 35 4.45 1.92 -6.75
N VAL A 36 4.09 3.15 -7.10
CA VAL A 36 4.27 3.65 -8.46
C VAL A 36 5.56 4.47 -8.59
N PHE A 37 5.87 5.23 -7.53
CA PHE A 37 7.07 6.05 -7.52
C PHE A 37 8.04 5.59 -6.45
N GLY A 38 8.20 4.28 -6.32
CA GLY A 38 9.09 3.73 -5.32
C GLY A 38 9.71 2.42 -5.76
N ILE A 39 9.54 1.38 -4.96
CA ILE A 39 10.09 0.06 -5.27
C ILE A 39 9.05 -1.03 -5.07
N HIS A 40 7.81 -0.62 -4.79
CA HIS A 40 6.72 -1.57 -4.56
C HIS A 40 5.85 -1.69 -5.81
N LYS A 41 6.47 -2.00 -6.94
CA LYS A 41 5.75 -2.13 -8.20
C LYS A 41 5.41 -3.60 -8.47
N ALA A 42 6.35 -4.48 -8.17
CA ALA A 42 6.16 -5.91 -8.38
C ALA A 42 5.09 -6.46 -7.43
N CYS A 43 4.89 -5.78 -6.32
CA CYS A 43 3.90 -6.19 -5.33
C CYS A 43 2.49 -5.99 -5.86
N GLU A 44 1.50 -6.22 -5.00
CA GLU A 44 0.10 -6.07 -5.38
C GLU A 44 -0.69 -5.36 -4.28
N VAL A 45 -1.05 -4.11 -4.52
CA VAL A 45 -1.80 -3.33 -3.55
C VAL A 45 -3.30 -3.55 -3.71
N ALA A 46 -4.05 -3.36 -2.62
CA ALA A 46 -5.49 -3.53 -2.65
C ALA A 46 -6.20 -2.34 -2.00
N PRO A 47 -7.51 -2.24 -2.24
CA PRO A 47 -8.33 -1.16 -1.69
C PRO A 47 -8.52 -1.28 -0.18
N LEU A 48 -7.59 -0.73 0.58
CA LEU A 48 -7.66 -0.78 2.03
C LEU A 48 -9.10 -0.77 2.52
N GLN A 49 -9.83 0.29 2.18
CA GLN A 49 -11.23 0.43 2.58
C GLN A 49 -11.92 -0.94 2.55
N SER A 50 -11.85 -1.61 1.41
CA SER A 50 -12.49 -2.91 1.25
C SER A 50 -11.48 -3.94 0.72
N VAL A 51 -10.66 -4.48 1.60
CA VAL A 51 -9.66 -5.47 1.22
C VAL A 51 -10.31 -6.82 0.91
N PHE A 52 -11.13 -6.84 -0.14
CA PHE A 52 -11.81 -8.07 -0.53
C PHE A 52 -11.40 -8.49 -1.94
N GLN A 53 -11.36 -7.53 -2.85
CA GLN A 53 -10.98 -7.79 -4.24
C GLN A 53 -10.19 -6.62 -4.82
N GLY A 54 -9.45 -6.90 -5.89
CA GLY A 54 -8.65 -5.87 -6.52
C GLY A 54 -7.45 -6.43 -7.27
N GLN A 55 -7.72 -7.07 -8.40
CA GLN A 55 -6.66 -7.66 -9.21
C GLN A 55 -6.06 -6.62 -10.16
N LYS A 56 -6.91 -5.98 -10.95
CA LYS A 56 -6.46 -4.97 -11.90
C LYS A 56 -6.03 -3.70 -11.17
N THR A 57 -5.16 -2.93 -11.80
CA THR A 57 -4.66 -1.69 -11.22
C THR A 57 -4.42 -0.63 -12.29
N GLU A 58 -4.85 0.60 -12.01
CA GLU A 58 -4.69 1.70 -12.95
C GLU A 58 -3.32 1.65 -13.61
N SER A 59 -2.28 1.45 -12.81
CA SER A 59 -0.92 1.39 -13.33
C SER A 59 -0.59 -0.03 -13.80
N GLY A 60 0.41 -0.13 -14.69
CA GLY A 60 0.80 -1.43 -15.20
C GLY A 60 0.66 -2.53 -14.17
N PRO A 61 -0.39 -3.35 -14.32
CA PRO A 61 -0.66 -4.46 -13.41
C PRO A 61 0.36 -5.59 -13.55
N SER A 62 1.28 -5.68 -12.59
CA SER A 62 2.31 -6.70 -12.60
C SER A 62 1.71 -8.07 -12.93
N SER A 63 2.44 -8.85 -13.72
CA SER A 63 1.98 -10.18 -14.10
C SER A 63 2.61 -11.25 -13.22
N GLY A 64 3.91 -11.12 -12.97
CA GLY A 64 4.61 -12.08 -12.15
C GLY A 64 6.12 -11.92 -12.22
#